data_3MT1
#
_entry.id   3MT1
#
_cell.length_a   69.769
_cell.length_b   75.773
_cell.length_c   129.801
_cell.angle_alpha   90.00
_cell.angle_beta   90.00
_cell.angle_gamma   90.00
#
_symmetry.space_group_name_H-M   'P 21 21 21'
#
loop_
_entity.id
_entity.type
_entity.pdbx_description
1 polymer 'Putative carboxynorspermidine decarboxylase protein'
2 non-polymer 'SULFATE ION'
3 water water
#
_entity_poly.entity_id   1
_entity_poly.type   'polypeptide(L)'
_entity_poly.pdbx_seq_one_letter_code
;(MSE)IETPYYLIDKAKLTRN(MSE)ERIAHVREKSGAKALLALKCFATWSVFDL(MSE)RDY(MSE)DGTTSSSLFEVR
LGRERFGKETHAYSVAYGDNEIDEVVSHADKIIFNSISQLERFADKAAGIARGLRLNPQVSSSSFDLADPARPFSRLGEW
DVPKVERV(MSE)DRINGF(MSE)IHNNCENKDFGLFDR(MSE)LGEIEERFGALIARVDWVSLGGGIHFTGDDYPVDAF
SARLRAFSDRYGVQIYLEPGEASITKSTTLEVTVLDTLYNGKNLAIVDSSIEAH(MSE)LDLLIYRETAKVLPNEGSHSY
(MSE)ICGKSCLAGDVFGEFRFAEELKVGDRISFQDAAGYT(MSE)VKKNWFNGVK(MSE)PAIAIRELDGSVRTVREFT
YADYEQSLS
;
_entity_poly.pdbx_strand_id   A,B
#
# COMPACT_ATOMS: atom_id res chain seq x y z
N ILE A 2 -20.42 -10.80 6.88
CA ILE A 2 -21.62 -10.92 5.95
C ILE A 2 -21.39 -10.11 4.64
N GLU A 3 -21.26 -8.79 4.73
CA GLU A 3 -21.10 -7.95 3.56
C GLU A 3 -19.66 -8.02 2.95
N THR A 4 -19.54 -8.32 1.65
CA THR A 4 -18.22 -8.34 1.00
C THR A 4 -17.63 -6.93 0.70
N PRO A 5 -16.29 -6.79 0.64
CA PRO A 5 -15.25 -7.81 0.92
C PRO A 5 -14.93 -7.97 2.40
N TYR A 6 -14.37 -9.13 2.75
CA TYR A 6 -13.91 -9.37 4.10
C TYR A 6 -12.83 -10.44 4.13
N TYR A 7 -11.83 -10.30 5.01
CA TYR A 7 -10.94 -11.43 5.25
C TYR A 7 -11.60 -12.36 6.25
N LEU A 8 -11.49 -13.66 5.98
CA LEU A 8 -12.03 -14.70 6.89
C LEU A 8 -10.96 -15.66 7.40
N ILE A 9 -10.65 -15.55 8.67
CA ILE A 9 -9.69 -16.45 9.24
C ILE A 9 -10.43 -17.64 9.82
N ASP A 10 -10.06 -18.86 9.44
CA ASP A 10 -10.63 -20.06 10.08
C ASP A 10 -9.75 -20.54 11.23
N LYS A 11 -10.29 -20.44 12.43
CA LYS A 11 -9.62 -20.96 13.62
C LYS A 11 -9.20 -22.44 13.55
N ALA A 12 -10.00 -23.27 12.89
CA ALA A 12 -9.66 -24.69 12.74
C ALA A 12 -8.43 -24.87 11.87
N LYS A 13 -8.36 -24.14 10.76
CA LYS A 13 -7.21 -24.23 9.87
C LYS A 13 -6.00 -23.65 10.57
N LEU A 14 -6.18 -22.55 11.25
CA LEU A 14 -5.12 -22.01 12.12
C LEU A 14 -4.69 -23.01 13.20
N THR A 15 -5.65 -23.63 13.87
CA THR A 15 -5.36 -24.74 14.77
C THR A 15 -4.43 -25.79 14.13
N ARG A 16 -4.80 -26.33 12.97
CA ARG A 16 -3.92 -27.33 12.32
C ARG A 16 -2.45 -26.87 12.26
N ASN A 17 -2.22 -25.60 11.88
CA ASN A 17 -0.85 -25.08 11.78
C ASN A 17 -0.14 -24.96 13.13
N GLU A 19 -0.86 -26.82 15.83
CA GLU A 19 -0.42 -28.18 16.23
C GLU A 19 0.86 -28.61 15.50
N ARG A 20 1.04 -28.17 14.26
CA ARG A 20 2.26 -28.56 13.57
C ARG A 20 3.50 -27.82 14.11
N ILE A 21 3.32 -26.54 14.42
CA ILE A 21 4.38 -25.77 15.10
C ILE A 21 4.75 -26.38 16.48
N ALA A 22 3.73 -26.75 17.26
CA ALA A 22 3.97 -27.37 18.56
C ALA A 22 4.89 -28.62 18.45
N HIS A 23 4.65 -29.44 17.43
CA HIS A 23 5.42 -30.65 17.29
C HIS A 23 6.85 -30.29 16.95
N VAL A 24 7.02 -29.39 16.00
CA VAL A 24 8.37 -28.99 15.61
C VAL A 24 9.14 -28.47 16.80
N ARG A 25 8.50 -27.66 17.64
CA ARG A 25 9.10 -27.11 18.86
C ARG A 25 9.58 -28.19 19.81
N GLU A 26 8.73 -29.19 20.05
CA GLU A 26 9.09 -30.26 20.97
C GLU A 26 10.17 -31.18 20.41
N LYS A 27 10.02 -31.55 19.14
CA LYS A 27 10.96 -32.42 18.43
C LYS A 27 12.30 -31.74 18.21
N SER A 28 12.28 -30.42 17.96
CA SER A 28 13.51 -29.71 17.60
C SER A 28 14.26 -29.13 18.80
N GLY A 29 13.53 -28.80 19.85
CA GLY A 29 14.11 -27.98 20.94
C GLY A 29 14.07 -26.51 20.62
N ALA A 30 13.68 -26.15 19.40
CA ALA A 30 13.68 -24.74 19.02
C ALA A 30 12.43 -24.02 19.48
N LYS A 31 12.53 -22.71 19.57
CA LYS A 31 11.41 -21.85 19.89
C LYS A 31 10.89 -21.12 18.67
N ALA A 32 9.56 -21.02 18.56
CA ALA A 32 8.92 -20.43 17.40
C ALA A 32 8.21 -19.12 17.78
N LEU A 33 8.64 -18.04 17.13
CA LEU A 33 8.04 -16.75 17.37
C LEU A 33 7.26 -16.34 16.13
N LEU A 34 6.07 -15.80 16.34
CA LEU A 34 5.29 -15.26 15.24
C LEU A 34 5.94 -14.00 14.66
N ALA A 35 6.18 -13.99 13.35
CA ALA A 35 6.70 -12.83 12.67
C ALA A 35 5.56 -11.88 12.42
N LEU A 36 5.46 -10.82 13.23
CA LEU A 36 4.33 -9.93 13.10
C LEU A 36 4.32 -9.11 11.80
N LYS A 37 5.48 -8.98 11.15
CA LYS A 37 5.48 -8.30 9.84
C LYS A 37 4.61 -9.01 8.82
N CYS A 38 4.40 -10.30 9.05
CA CYS A 38 3.61 -11.11 8.13
C CYS A 38 2.13 -11.12 8.54
N PHE A 39 1.88 -11.23 9.84
CA PHE A 39 0.53 -11.41 10.31
C PHE A 39 0.44 -10.81 11.69
N ALA A 40 -0.52 -9.90 11.89
CA ALA A 40 -0.63 -9.17 13.12
C ALA A 40 -2.08 -9.03 13.51
N THR A 41 -2.93 -9.88 13.01
CA THR A 41 -4.34 -9.77 13.33
C THR A 41 -4.56 -10.27 14.76
N TRP A 42 -4.57 -9.35 15.71
CA TRP A 42 -4.35 -9.71 17.09
C TRP A 42 -5.52 -10.43 17.77
N SER A 43 -6.69 -10.36 17.16
CA SER A 43 -7.84 -11.01 17.75
C SER A 43 -7.76 -12.55 17.73
N VAL A 44 -6.65 -13.13 17.26
CA VAL A 44 -6.56 -14.57 17.27
C VAL A 44 -5.31 -15.01 17.97
N PHE A 45 -4.64 -14.05 18.61
CA PHE A 45 -3.47 -14.33 19.40
C PHE A 45 -3.80 -15.24 20.62
N ASP A 46 -4.95 -15.03 21.23
CA ASP A 46 -5.39 -15.89 22.32
C ASP A 46 -5.25 -17.38 21.96
N LEU A 47 -5.54 -17.74 20.73
CA LEU A 47 -5.35 -19.09 20.27
C LEU A 47 -3.87 -19.36 20.02
N ARG A 49 -0.99 -18.09 20.92
CA ARG A 49 0.01 -18.01 21.98
C ARG A 49 0.19 -19.34 22.74
N ASP A 50 -0.87 -20.15 22.81
CA ASP A 50 -0.81 -21.45 23.48
C ASP A 50 0.20 -22.40 22.81
N TYR A 51 0.58 -22.09 21.58
CA TYR A 51 1.42 -22.99 20.79
C TYR A 51 2.77 -22.45 20.42
N ASP A 53 6.16 -19.41 21.13
CA ASP A 53 7.02 -18.91 22.19
C ASP A 53 7.03 -17.41 22.36
N GLY A 54 6.38 -16.69 21.44
CA GLY A 54 6.28 -15.24 21.52
C GLY A 54 6.21 -14.66 20.14
N THR A 55 6.74 -13.44 19.97
CA THR A 55 6.70 -12.80 18.67
C THR A 55 8.01 -12.15 18.31
N THR A 56 8.21 -11.91 17.02
CA THR A 56 9.37 -11.17 16.53
C THR A 56 8.92 -9.95 15.73
N SER A 57 9.50 -8.81 16.04
CA SER A 57 9.06 -7.55 15.51
C SER A 57 10.17 -6.79 14.84
N SER A 58 9.78 -5.75 14.11
CA SER A 58 10.72 -4.94 13.39
C SER A 58 10.27 -3.50 13.39
N SER A 59 9.58 -3.08 14.46
CA SER A 59 9.26 -1.68 14.63
C SER A 59 8.74 -1.50 16.02
N LEU A 60 8.68 -0.25 16.48
CA LEU A 60 8.15 0.05 17.82
C LEU A 60 6.72 -0.45 17.97
N PHE A 61 5.89 -0.09 17.01
CA PHE A 61 4.49 -0.49 17.06
C PHE A 61 4.27 -1.98 17.12
N GLU A 62 5.09 -2.74 16.40
CA GLU A 62 5.03 -4.20 16.40
C GLU A 62 5.47 -4.81 17.71
N VAL A 63 6.55 -4.28 18.29
CA VAL A 63 7.05 -4.87 19.54
C VAL A 63 6.06 -4.58 20.63
N ARG A 64 5.41 -3.42 20.56
CA ARG A 64 4.42 -3.07 21.56
C ARG A 64 3.19 -3.95 21.43
N LEU A 65 2.67 -4.10 20.20
CA LEU A 65 1.58 -5.01 19.94
C LEU A 65 1.96 -6.41 20.43
N GLY A 66 3.19 -6.84 20.21
CA GLY A 66 3.63 -8.17 20.66
C GLY A 66 3.57 -8.34 22.17
N ARG A 67 4.05 -7.32 22.87
CA ARG A 67 4.05 -7.39 24.32
C ARG A 67 2.65 -7.31 24.88
N GLU A 68 1.79 -6.46 24.31
CA GLU A 68 0.46 -6.21 24.92
C GLU A 68 -0.64 -7.23 24.54
N ARG A 69 -0.54 -7.87 23.37
CA ARG A 69 -1.60 -8.76 22.89
C ARG A 69 -1.18 -10.21 22.79
N PHE A 70 0.12 -10.44 22.67
CA PHE A 70 0.58 -11.80 22.55
C PHE A 70 1.30 -12.26 23.82
N GLY A 71 2.25 -11.47 24.32
CA GLY A 71 3.02 -11.80 25.52
C GLY A 71 4.07 -12.87 25.24
N LYS A 72 4.42 -13.64 26.26
CA LYS A 72 5.57 -14.54 26.21
C LYS A 72 6.83 -13.80 25.72
N GLU A 73 7.69 -14.45 24.94
CA GLU A 73 8.93 -13.79 24.53
C GLU A 73 8.77 -12.77 23.41
N THR A 74 9.29 -11.58 23.62
CA THR A 74 9.19 -10.52 22.65
C THR A 74 10.59 -10.18 22.17
N HIS A 75 10.89 -10.49 20.91
CA HIS A 75 12.12 -10.02 20.26
C HIS A 75 11.84 -8.77 19.45
N ALA A 76 12.83 -7.88 19.45
CA ALA A 76 12.77 -6.61 18.75
C ALA A 76 13.91 -6.54 17.77
N TYR A 77 13.59 -6.29 16.51
CA TYR A 77 14.59 -6.08 15.49
C TYR A 77 14.27 -4.78 14.78
N SER A 78 15.25 -4.17 14.13
CA SER A 78 14.94 -3.16 13.21
C SER A 78 16.17 -2.84 12.44
N VAL A 79 15.99 -2.64 11.14
CA VAL A 79 17.02 -2.15 10.27
C VAL A 79 17.74 -0.95 10.90
N ALA A 80 17.02 -0.12 11.64
CA ALA A 80 17.60 1.08 12.25
C ALA A 80 16.62 1.63 13.28
N TYR A 81 17.10 1.86 14.49
CA TYR A 81 16.26 2.43 15.53
C TYR A 81 16.54 3.89 15.62
N GLY A 82 15.51 4.64 15.99
CA GLY A 82 15.67 6.04 16.33
C GLY A 82 15.96 6.29 17.81
N ASP A 83 16.66 7.39 18.07
CA ASP A 83 16.94 7.85 19.42
C ASP A 83 15.62 8.11 20.14
N ASN A 84 14.65 8.66 19.42
CA ASN A 84 13.39 9.03 20.01
C ASN A 84 12.54 7.81 20.44
N GLU A 85 12.90 6.59 20.05
CA GLU A 85 12.00 5.47 20.25
C GLU A 85 12.65 4.33 20.96
N ILE A 86 13.96 4.40 21.09
CA ILE A 86 14.74 3.27 21.54
C ILE A 86 14.40 2.82 22.97
N ASP A 87 14.07 3.77 23.85
CA ASP A 87 13.72 3.46 25.26
C ASP A 87 12.44 2.65 25.34
N GLU A 88 11.40 3.13 24.67
CA GLU A 88 10.16 2.38 24.64
C GLU A 88 10.31 0.99 23.99
N VAL A 89 11.21 0.87 23.00
CA VAL A 89 11.45 -0.44 22.39
C VAL A 89 12.00 -1.38 23.43
N VAL A 90 13.01 -0.88 24.15
CA VAL A 90 13.66 -1.64 25.19
C VAL A 90 12.70 -2.05 26.28
N SER A 91 11.87 -1.13 26.72
CA SER A 91 10.90 -1.47 27.76
C SER A 91 9.95 -2.61 27.38
N HIS A 92 9.76 -2.88 26.08
CA HIS A 92 8.82 -3.94 25.70
C HIS A 92 9.50 -5.25 25.35
N ALA A 93 10.80 -5.22 25.10
CA ALA A 93 11.49 -6.38 24.53
C ALA A 93 12.24 -7.22 25.57
N ASP A 94 12.27 -8.53 25.37
CA ASP A 94 13.17 -9.45 26.09
C ASP A 94 14.54 -9.48 25.42
N LYS A 95 14.55 -9.33 24.09
CA LYS A 95 15.77 -9.34 23.32
C LYS A 95 15.72 -8.28 22.28
N ILE A 96 16.87 -7.71 21.95
CA ILE A 96 16.92 -6.70 20.97
C ILE A 96 18.06 -7.02 20.03
N ILE A 97 17.81 -6.88 18.76
CA ILE A 97 18.78 -7.27 17.79
C ILE A 97 19.04 -6.04 17.00
N PHE A 98 20.32 -5.77 16.83
CA PHE A 98 20.74 -4.64 16.03
C PHE A 98 21.14 -5.06 14.66
N ASN A 99 20.87 -4.19 13.73
CA ASN A 99 21.16 -4.47 12.37
C ASN A 99 22.65 -4.34 12.09
N SER A 100 23.32 -3.40 12.79
CA SER A 100 24.74 -3.13 12.57
C SER A 100 25.50 -2.81 13.87
N ILE A 101 26.82 -2.71 13.75
CA ILE A 101 27.68 -2.36 14.87
C ILE A 101 27.45 -0.91 15.21
N SER A 102 27.29 -0.05 14.21
CA SER A 102 27.15 1.37 14.56
C SER A 102 25.92 1.58 15.41
N GLN A 103 24.82 0.98 14.96
CA GLN A 103 23.56 0.87 15.72
C GLN A 103 23.78 0.17 17.06
N LEU A 104 24.45 -0.98 17.04
CA LEU A 104 24.80 -1.64 18.30
C LEU A 104 25.52 -0.67 19.22
N GLU A 105 26.57 -0.05 18.72
CA GLU A 105 27.35 0.87 19.54
C GLU A 105 26.52 2.05 20.01
N ARG A 106 25.67 2.58 19.15
CA ARG A 106 24.88 3.72 19.60
C ARG A 106 23.86 3.38 20.72
N PHE A 107 23.34 2.15 20.78
CA PHE A 107 22.21 1.90 21.72
C PHE A 107 22.41 0.87 22.81
N ALA A 108 23.56 0.19 22.81
CA ALA A 108 23.74 -0.92 23.75
C ALA A 108 23.56 -0.48 25.20
N ASP A 109 24.05 0.72 25.51
CA ASP A 109 23.86 1.32 26.82
C ASP A 109 22.36 1.40 27.21
N LYS A 110 21.51 1.74 26.25
CA LYS A 110 20.06 1.81 26.48
C LYS A 110 19.41 0.45 26.65
N ALA A 111 20.09 -0.58 26.16
CA ALA A 111 19.53 -1.92 26.08
C ALA A 111 20.19 -2.83 27.11
N ALA A 112 20.93 -2.20 28.03
CA ALA A 112 21.36 -2.84 29.26
C ALA A 112 20.10 -3.33 29.99
N GLY A 113 20.16 -4.55 30.51
CA GLY A 113 19.00 -5.11 31.23
C GLY A 113 18.34 -6.25 30.50
N ILE A 114 18.50 -6.26 29.18
CA ILE A 114 17.90 -7.29 28.36
C ILE A 114 18.94 -7.84 27.42
N ALA A 115 18.81 -9.10 27.03
CA ALA A 115 19.74 -9.70 26.08
C ALA A 115 19.71 -8.94 24.75
N ARG A 116 20.91 -8.75 24.19
CA ARG A 116 21.14 -7.97 22.98
C ARG A 116 21.75 -8.86 21.92
N GLY A 117 21.43 -8.60 20.67
CA GLY A 117 21.91 -9.44 19.57
C GLY A 117 22.38 -8.62 18.39
N LEU A 118 22.97 -9.31 17.44
CA LEU A 118 23.37 -8.67 16.23
C LEU A 118 22.95 -9.53 15.06
N ARG A 119 22.59 -8.89 13.95
CA ARG A 119 22.25 -9.62 12.74
C ARG A 119 23.52 -9.84 11.94
N LEU A 120 23.69 -11.08 11.52
CA LEU A 120 24.79 -11.45 10.65
C LEU A 120 24.26 -11.75 9.25
N ASN A 121 24.99 -11.30 8.22
CA ASN A 121 24.70 -11.59 6.84
C ASN A 121 25.67 -12.65 6.32
N PRO A 122 25.12 -13.83 5.93
CA PRO A 122 25.99 -14.89 5.45
C PRO A 122 26.15 -14.99 3.92
N GLN A 123 26.02 -13.87 3.20
CA GLN A 123 26.42 -13.78 1.77
C GLN A 123 27.51 -12.75 1.58
N ARG A 140 23.82 -4.84 2.42
CA ARG A 140 22.44 -4.61 2.81
C ARG A 140 22.17 -4.66 4.31
N LEU A 141 21.95 -5.87 4.85
CA LEU A 141 21.51 -6.05 6.24
C LEU A 141 22.39 -7.06 6.96
N GLY A 142 22.80 -6.71 8.18
CA GLY A 142 23.60 -7.61 9.00
C GLY A 142 25.07 -7.45 8.69
N GLU A 143 25.91 -7.71 9.67
CA GLU A 143 27.37 -7.68 9.48
C GLU A 143 27.90 -8.98 8.85
N TRP A 144 29.05 -8.92 8.19
CA TRP A 144 29.60 -10.06 7.47
C TRP A 144 31.05 -10.28 7.88
N ASP A 145 31.67 -9.19 8.31
CA ASP A 145 33.09 -9.15 8.63
C ASP A 145 33.34 -9.71 10.00
N VAL A 146 33.75 -10.99 10.02
CA VAL A 146 34.14 -11.66 11.24
C VAL A 146 35.04 -10.74 12.09
N PRO A 147 36.24 -10.37 11.57
CA PRO A 147 37.16 -9.66 12.47
C PRO A 147 36.51 -8.46 13.12
N LYS A 148 35.74 -7.69 12.35
CA LYS A 148 35.01 -6.53 12.87
C LYS A 148 34.02 -6.89 13.98
N VAL A 149 33.30 -8.00 13.83
CA VAL A 149 32.30 -8.42 14.83
C VAL A 149 32.92 -8.84 16.19
N GLU A 150 34.09 -9.50 16.13
CA GLU A 150 34.87 -9.94 17.30
C GLU A 150 35.09 -8.84 18.36
N ARG A 151 35.23 -7.60 17.89
CA ARG A 151 35.46 -6.47 18.76
C ARG A 151 34.29 -6.13 19.66
N VAL A 152 33.08 -6.56 19.28
CA VAL A 152 31.90 -6.23 20.07
C VAL A 152 31.30 -7.44 20.78
N ASP A 154 31.90 -8.69 23.30
CA ASP A 154 31.74 -8.33 24.71
C ASP A 154 30.38 -7.73 25.02
N ARG A 155 29.61 -7.39 23.99
CA ARG A 155 28.42 -6.55 24.20
C ARG A 155 27.11 -7.23 23.82
N ILE A 156 27.22 -8.44 23.25
CA ILE A 156 26.05 -9.13 22.75
C ILE A 156 26.02 -10.57 23.19
N ASN A 157 24.84 -11.17 23.08
CA ASN A 157 24.47 -12.42 23.70
C ASN A 157 24.11 -13.47 22.64
N GLY A 158 23.82 -12.99 21.43
CA GLY A 158 23.32 -13.82 20.34
C GLY A 158 23.32 -13.16 18.97
N PHE A 159 22.77 -13.87 17.98
CA PHE A 159 22.79 -13.46 16.59
C PHE A 159 21.46 -13.75 15.92
N ILE A 161 20.67 -14.73 12.17
CA ILE A 161 21.22 -15.03 10.84
C ILE A 161 20.15 -15.55 9.88
N HIS A 162 19.82 -14.75 8.85
CA HIS A 162 18.69 -14.98 7.90
C HIS A 162 19.19 -15.21 6.49
N ASN A 163 18.58 -16.16 5.78
CA ASN A 163 18.91 -16.41 4.36
C ASN A 163 17.79 -17.04 3.49
N ASN A 164 16.52 -16.63 3.70
CA ASN A 164 15.37 -17.25 2.97
C ASN A 164 14.31 -16.27 2.42
N ASN A 167 13.92 -20.80 1.74
CA ASN A 167 13.99 -22.25 1.74
C ASN A 167 12.81 -22.83 0.97
N LYS A 168 13.08 -23.26 -0.25
CA LYS A 168 12.08 -23.90 -1.08
C LYS A 168 11.83 -25.32 -0.52
N ASP A 169 12.90 -26.12 -0.51
CA ASP A 169 12.93 -27.49 0.02
C ASP A 169 13.68 -27.51 1.37
N PHE A 170 13.85 -28.71 1.91
CA PHE A 170 14.63 -28.88 3.14
C PHE A 170 16.14 -28.97 2.83
N GLY A 171 16.46 -29.62 1.71
CA GLY A 171 17.83 -29.72 1.22
C GLY A 171 18.50 -28.35 1.17
N LEU A 172 17.78 -27.37 0.66
CA LEU A 172 18.28 -26.00 0.61
C LEU A 172 18.60 -25.50 2.00
N PHE A 173 17.60 -25.52 2.89
CA PHE A 173 17.81 -25.11 4.27
C PHE A 173 19.05 -25.72 4.88
N ASP A 174 19.18 -27.04 4.78
CA ASP A 174 20.34 -27.77 5.29
C ASP A 174 21.66 -27.17 4.78
N ARG A 175 21.71 -26.92 3.48
CA ARG A 175 22.87 -26.27 2.87
C ARG A 175 23.07 -24.87 3.40
N LEU A 177 22.33 -23.72 6.13
CA LEU A 177 22.73 -23.82 7.51
C LEU A 177 24.22 -24.14 7.59
N GLY A 178 24.69 -25.02 6.70
CA GLY A 178 26.09 -25.36 6.58
C GLY A 178 26.91 -24.14 6.23
N GLU A 179 26.56 -23.52 5.10
CA GLU A 179 27.12 -22.25 4.65
C GLU A 179 27.29 -21.24 5.79
N ILE A 180 26.44 -21.33 6.79
CA ILE A 180 26.44 -20.43 7.96
C ILE A 180 27.45 -20.83 9.04
N GLU A 181 27.57 -22.14 9.30
CA GLU A 181 28.62 -22.69 10.16
C GLU A 181 29.98 -22.30 9.64
N GLU A 182 30.19 -22.48 8.34
CA GLU A 182 31.50 -22.21 7.74
C GLU A 182 31.85 -20.75 7.89
N ARG A 183 30.85 -19.88 7.79
CA ARG A 183 31.07 -18.44 7.92
C ARG A 183 31.25 -17.99 9.38
N PHE A 184 30.39 -18.51 10.26
CA PHE A 184 30.31 -17.92 11.57
C PHE A 184 30.39 -18.92 12.73
N GLY A 185 30.68 -20.18 12.42
CA GLY A 185 30.73 -21.24 13.44
C GLY A 185 31.52 -20.84 14.67
N ALA A 186 32.72 -20.27 14.44
CA ALA A 186 33.57 -19.79 15.50
C ALA A 186 32.87 -18.77 16.41
N LEU A 187 32.22 -17.78 15.82
CA LEU A 187 31.39 -16.83 16.59
C LEU A 187 30.15 -17.42 17.26
N ILE A 188 29.45 -18.30 16.56
CA ILE A 188 28.22 -18.87 17.10
C ILE A 188 28.50 -19.65 18.37
N ALA A 189 29.71 -20.19 18.45
CA ALA A 189 30.12 -21.05 19.57
C ALA A 189 30.24 -20.26 20.88
N ARG A 190 30.51 -18.96 20.76
CA ARG A 190 30.75 -18.14 21.94
C ARG A 190 29.48 -17.45 22.45
N VAL A 191 28.35 -17.70 21.79
CA VAL A 191 27.10 -17.12 22.25
C VAL A 191 26.10 -18.22 22.59
N ASP A 192 24.96 -17.84 23.12
CA ASP A 192 24.03 -18.83 23.62
C ASP A 192 22.61 -18.75 23.03
N TRP A 193 22.43 -17.93 22.00
CA TRP A 193 21.23 -18.00 21.18
C TRP A 193 21.36 -17.47 19.74
N VAL A 194 20.54 -18.01 18.85
CA VAL A 194 20.56 -17.61 17.46
C VAL A 194 19.13 -17.69 16.92
N SER A 195 18.67 -16.69 16.18
CA SER A 195 17.45 -16.86 15.43
C SER A 195 17.69 -16.93 13.93
N LEU A 196 17.02 -17.88 13.30
CA LEU A 196 17.27 -18.22 11.88
C LEU A 196 16.20 -17.76 10.90
N GLY A 197 15.27 -16.93 11.34
CA GLY A 197 14.32 -16.35 10.42
C GLY A 197 13.23 -17.31 9.94
N GLY A 198 12.67 -16.98 8.78
CA GLY A 198 11.47 -17.61 8.28
C GLY A 198 11.76 -18.13 6.89
N GLY A 199 10.78 -18.14 6.00
CA GLY A 199 10.97 -18.74 4.70
C GLY A 199 10.90 -20.25 4.68
N ILE A 200 10.78 -20.89 5.85
CA ILE A 200 10.76 -22.35 5.93
C ILE A 200 9.36 -22.90 6.13
N HIS A 201 8.91 -23.70 5.16
CA HIS A 201 7.54 -24.21 5.06
C HIS A 201 7.31 -25.44 5.90
N PHE A 202 7.73 -25.41 7.16
CA PHE A 202 7.68 -26.63 7.96
C PHE A 202 6.29 -26.96 8.47
N THR A 203 5.27 -26.16 8.11
CA THR A 203 3.88 -26.59 8.32
C THR A 203 3.16 -27.14 7.05
N GLY A 204 3.91 -27.32 5.96
CA GLY A 204 3.34 -27.79 4.71
C GLY A 204 3.12 -29.28 4.82
N ASP A 205 2.10 -29.78 4.15
CA ASP A 205 1.74 -31.18 4.33
C ASP A 205 2.85 -32.25 4.27
N ASP A 206 3.79 -32.13 3.35
CA ASP A 206 4.70 -33.23 3.14
C ASP A 206 6.15 -32.88 3.53
N TYR A 207 6.30 -31.82 4.34
CA TYR A 207 7.63 -31.36 4.78
C TYR A 207 8.30 -32.36 5.72
N PRO A 208 9.61 -32.66 5.53
CA PRO A 208 10.25 -33.64 6.43
C PRO A 208 10.58 -33.07 7.82
N VAL A 209 9.54 -32.98 8.63
CA VAL A 209 9.61 -32.31 9.90
C VAL A 209 10.62 -32.97 10.81
N ASP A 210 10.63 -34.30 10.82
CA ASP A 210 11.57 -35.06 11.65
C ASP A 210 13.04 -34.81 11.31
N ALA A 211 13.42 -34.95 10.05
CA ALA A 211 14.80 -34.69 9.66
C ALA A 211 15.17 -33.24 9.96
N PHE A 212 14.23 -32.32 9.69
CA PHE A 212 14.46 -30.90 9.91
C PHE A 212 14.77 -30.62 11.37
N SER A 213 13.94 -31.19 12.25
CA SER A 213 14.18 -31.14 13.69
C SER A 213 15.54 -31.74 14.07
N ALA A 214 15.86 -32.92 13.55
CA ALA A 214 17.11 -33.59 13.88
C ALA A 214 18.28 -32.63 13.60
N ARG A 215 18.19 -31.95 12.47
CA ARG A 215 19.20 -31.05 11.99
C ARG A 215 19.34 -29.85 12.89
N LEU A 216 18.22 -29.34 13.40
CA LEU A 216 18.25 -28.23 14.35
C LEU A 216 18.87 -28.64 15.68
N ARG A 217 18.59 -29.86 16.13
CA ARG A 217 19.26 -30.38 17.32
C ARG A 217 20.76 -30.52 17.10
N ALA A 218 21.17 -30.98 15.92
CA ALA A 218 22.61 -31.12 15.64
C ALA A 218 23.28 -29.76 15.78
N PHE A 219 22.67 -28.73 15.22
CA PHE A 219 23.27 -27.39 15.26
C PHE A 219 23.26 -26.86 16.69
N SER A 220 22.20 -27.16 17.43
CA SER A 220 22.04 -26.65 18.78
C SER A 220 22.97 -27.33 19.78
N ASP A 221 23.23 -28.62 19.58
CA ASP A 221 24.18 -29.36 20.41
C ASP A 221 25.63 -28.93 20.16
N ARG A 222 26.01 -28.91 18.89
CA ARG A 222 27.32 -28.49 18.49
C ARG A 222 27.67 -27.16 19.14
N TYR A 223 26.85 -26.15 18.89
CA TYR A 223 27.19 -24.80 19.30
C TYR A 223 26.72 -24.42 20.68
N GLY A 224 25.88 -25.27 21.26
CA GLY A 224 25.33 -25.02 22.59
C GLY A 224 24.48 -23.78 22.66
N VAL A 225 23.71 -23.53 21.60
CA VAL A 225 22.88 -22.32 21.49
C VAL A 225 21.39 -22.62 21.48
N GLN A 226 20.60 -21.65 21.92
CA GLN A 226 19.13 -21.76 21.77
C GLN A 226 18.69 -21.23 20.40
N ILE A 227 18.00 -22.09 19.65
CA ILE A 227 17.54 -21.71 18.32
C ILE A 227 16.18 -21.04 18.36
N TYR A 228 16.09 -19.88 17.71
CA TYR A 228 14.79 -19.23 17.46
C TYR A 228 14.37 -19.28 16.01
N LEU A 229 13.15 -19.77 15.79
CA LEU A 229 12.50 -19.76 14.49
C LEU A 229 11.46 -18.62 14.38
N GLU A 230 11.39 -18.01 13.22
CA GLU A 230 10.52 -16.83 13.07
C GLU A 230 9.50 -17.05 11.97
N PRO A 231 8.64 -18.08 12.12
CA PRO A 231 7.71 -18.36 11.04
C PRO A 231 6.66 -17.25 10.85
N GLY A 232 6.53 -16.77 9.63
CA GLY A 232 5.46 -15.84 9.31
C GLY A 232 4.43 -16.61 8.51
N GLU A 233 4.71 -16.78 7.23
CA GLU A 233 3.89 -17.58 6.37
C GLU A 233 3.55 -18.98 6.96
N ALA A 234 4.54 -19.73 7.44
CA ALA A 234 4.25 -21.06 8.00
C ALA A 234 3.23 -21.05 9.16
N SER A 235 3.13 -19.93 9.88
CA SER A 235 2.13 -19.81 10.95
C SER A 235 0.73 -19.75 10.40
N ILE A 236 0.56 -19.07 9.25
CA ILE A 236 -0.80 -18.79 8.79
C ILE A 236 -1.19 -19.31 7.38
N THR A 237 -0.37 -20.16 6.73
CA THR A 237 -0.72 -20.69 5.41
C THR A 237 -2.08 -21.31 5.46
N LYS A 238 -2.84 -21.06 4.39
CA LYS A 238 -4.08 -21.74 4.08
C LYS A 238 -5.06 -21.69 5.25
N SER A 239 -5.10 -20.55 5.93
CA SER A 239 -6.03 -20.43 7.03
C SER A 239 -7.10 -19.35 6.80
N THR A 240 -6.81 -18.43 5.87
CA THR A 240 -7.65 -17.26 5.62
C THR A 240 -8.04 -17.10 4.15
N THR A 241 -9.23 -16.55 3.89
CA THR A 241 -9.66 -16.29 2.51
C THR A 241 -10.04 -14.82 2.38
N LEU A 242 -9.93 -14.27 1.16
CA LEU A 242 -10.55 -12.99 0.88
C LEU A 242 -11.84 -13.24 0.09
N GLU A 243 -12.97 -12.88 0.71
CA GLU A 243 -14.30 -13.09 0.14
C GLU A 243 -14.76 -11.84 -0.57
N VAL A 244 -14.95 -11.93 -1.89
CA VAL A 244 -15.39 -10.77 -2.67
C VAL A 244 -16.68 -11.08 -3.44
N THR A 245 -17.39 -10.03 -3.89
CA THR A 245 -18.56 -10.22 -4.75
C THR A 245 -18.27 -9.73 -6.21
N VAL A 246 -18.75 -10.46 -7.19
CA VAL A 246 -18.71 -10.07 -8.62
C VAL A 246 -19.65 -8.91 -8.89
N LEU A 247 -19.13 -7.83 -9.46
CA LEU A 247 -19.96 -6.64 -9.65
C LEU A 247 -20.40 -6.45 -11.07
N ASP A 248 -19.66 -7.06 -11.99
CA ASP A 248 -19.79 -6.76 -13.38
C ASP A 248 -19.07 -7.87 -14.10
N THR A 249 -19.49 -8.14 -15.33
CA THR A 249 -18.90 -9.18 -16.16
C THR A 249 -18.91 -8.73 -17.63
N LEU A 250 -17.86 -9.04 -18.38
CA LEU A 250 -17.71 -8.50 -19.74
C LEU A 250 -16.68 -9.28 -20.60
N TYR A 251 -16.66 -8.98 -21.90
CA TYR A 251 -15.70 -9.61 -22.83
C TYR A 251 -14.91 -8.61 -23.66
N ASN A 252 -13.63 -8.51 -23.32
CA ASN A 252 -12.66 -7.71 -24.05
C ASN A 252 -11.44 -8.61 -24.24
N GLY A 253 -11.53 -9.47 -25.26
CA GLY A 253 -10.49 -10.46 -25.52
C GLY A 253 -10.72 -11.73 -24.71
N LYS A 254 -11.03 -11.56 -23.45
CA LYS A 254 -11.23 -12.68 -22.56
C LYS A 254 -12.54 -12.47 -21.80
N ASN A 255 -13.07 -13.53 -21.21
CA ASN A 255 -14.17 -13.38 -20.25
C ASN A 255 -13.63 -12.62 -19.04
N LEU A 256 -14.29 -11.53 -18.66
CA LEU A 256 -13.87 -10.71 -17.52
C LEU A 256 -14.91 -10.69 -16.40
N ALA A 257 -14.43 -10.61 -15.16
CA ALA A 257 -15.30 -10.36 -14.04
C ALA A 257 -14.63 -9.36 -13.12
N ILE A 258 -15.39 -8.36 -12.69
CA ILE A 258 -14.89 -7.37 -11.77
C ILE A 258 -15.52 -7.61 -10.41
N VAL A 259 -14.70 -7.56 -9.37
CA VAL A 259 -15.15 -7.87 -8.03
C VAL A 259 -14.98 -6.63 -7.15
N ASP A 260 -15.68 -6.61 -6.02
CA ASP A 260 -15.61 -5.48 -5.07
C ASP A 260 -14.32 -5.50 -4.21
N SER A 261 -13.18 -5.47 -4.88
CA SER A 261 -11.91 -5.47 -4.19
C SER A 261 -10.87 -4.96 -5.19
N SER A 262 -9.67 -4.70 -4.71
CA SER A 262 -8.61 -4.19 -5.57
C SER A 262 -7.34 -4.77 -5.05
N ILE A 263 -6.48 -5.24 -5.94
CA ILE A 263 -5.24 -5.83 -5.48
C ILE A 263 -4.31 -4.81 -4.85
N GLU A 264 -4.39 -3.57 -5.30
CA GLU A 264 -3.54 -2.54 -4.72
C GLU A 264 -3.94 -2.25 -3.26
N ALA A 265 -5.22 -2.28 -2.97
CA ALA A 265 -5.69 -1.95 -1.65
C ALA A 265 -5.64 -3.14 -0.72
N HIS A 266 -5.78 -4.34 -1.24
CA HIS A 266 -6.13 -5.46 -0.38
C HIS A 266 -5.25 -6.65 -0.54
N LEU A 268 -1.76 -6.28 -1.90
CA LEU A 268 -0.73 -5.51 -2.53
C LEU A 268 0.48 -6.32 -3.04
N ASP A 269 0.83 -7.41 -2.37
CA ASP A 269 1.93 -8.24 -2.86
C ASP A 269 1.68 -8.77 -4.25
N LEU A 270 0.43 -9.09 -4.59
CA LEU A 270 0.17 -9.50 -5.98
C LEU A 270 0.69 -8.50 -6.99
N LEU A 271 0.43 -7.21 -6.72
CA LEU A 271 0.79 -6.11 -7.61
C LEU A 271 2.30 -5.87 -7.59
N ILE A 272 2.87 -5.67 -6.39
CA ILE A 272 4.31 -5.48 -6.17
C ILE A 272 5.11 -6.59 -6.88
N TYR A 273 4.73 -7.84 -6.66
CA TYR A 273 5.59 -8.88 -7.20
C TYR A 273 5.06 -9.53 -8.46
N ARG A 274 4.00 -8.93 -9.03
CA ARG A 274 3.39 -9.45 -10.26
C ARG A 274 3.14 -10.96 -10.10
N GLU A 275 2.35 -11.28 -9.07
CA GLU A 275 1.95 -12.66 -8.81
C GLU A 275 0.45 -12.76 -8.95
N THR A 276 -0.10 -13.98 -9.06
CA THR A 276 -1.56 -14.13 -9.02
C THR A 276 -2.07 -14.76 -7.73
N ALA A 277 -3.36 -14.61 -7.53
CA ALA A 277 -4.10 -15.22 -6.42
C ALA A 277 -4.44 -16.69 -6.68
N LYS A 278 -5.07 -17.33 -5.69
CA LYS A 278 -5.45 -18.73 -5.78
C LYS A 278 -6.95 -18.86 -5.64
N VAL A 279 -7.53 -19.71 -6.46
CA VAL A 279 -8.93 -20.03 -6.35
C VAL A 279 -9.07 -21.53 -6.42
N LEU A 280 -10.04 -22.05 -5.67
CA LEU A 280 -10.33 -23.48 -5.62
C LEU A 280 -11.80 -23.71 -5.88
N PRO A 281 -12.12 -24.82 -6.59
CA PRO A 281 -11.04 -25.47 -7.32
C PRO A 281 -10.78 -24.66 -8.58
N ASN A 282 -9.63 -24.83 -9.20
CA ASN A 282 -9.38 -24.09 -10.42
C ASN A 282 -9.76 -25.00 -11.61
N GLU A 283 -11.05 -25.35 -11.71
CA GLU A 283 -11.56 -26.25 -12.76
C GLU A 283 -12.94 -25.82 -13.24
N GLY A 284 -13.25 -26.22 -14.48
CA GLY A 284 -14.51 -25.93 -15.15
C GLY A 284 -14.22 -25.53 -16.59
N SER A 285 -15.25 -25.23 -17.36
CA SER A 285 -15.04 -24.90 -18.77
C SER A 285 -14.89 -23.40 -19.02
N HIS A 286 -15.48 -22.58 -18.15
CA HIS A 286 -15.41 -21.14 -18.33
C HIS A 286 -14.23 -20.57 -17.54
N SER A 287 -13.24 -20.05 -18.26
CA SER A 287 -12.24 -19.26 -17.60
C SER A 287 -12.60 -17.77 -17.71
N TYR A 288 -12.50 -17.08 -16.58
CA TYR A 288 -12.63 -15.63 -16.52
C TYR A 288 -11.36 -15.08 -15.96
N ILE A 290 -9.97 -12.26 -13.60
CA ILE A 290 -10.59 -11.52 -12.50
C ILE A 290 -9.90 -10.22 -12.07
N CYS A 291 -10.67 -9.13 -12.04
CA CYS A 291 -10.09 -7.79 -11.83
C CYS A 291 -10.71 -7.03 -10.71
N GLY A 292 -9.93 -6.10 -10.21
CA GLY A 292 -10.39 -5.24 -9.16
C GLY A 292 -11.27 -4.12 -9.65
N LYS A 293 -11.93 -3.52 -8.67
CA LYS A 293 -12.85 -2.42 -8.82
C LYS A 293 -12.14 -1.13 -9.20
N SER A 294 -10.98 -1.18 -9.83
CA SER A 294 -10.33 0.05 -10.23
C SER A 294 -9.90 -0.04 -11.67
N CYS A 295 -9.31 1.05 -12.18
CA CYS A 295 -8.99 1.12 -13.62
C CYS A 295 -7.51 1.08 -13.97
N LEU A 296 -6.74 0.32 -13.20
CA LEU A 296 -5.32 0.15 -13.47
C LEU A 296 -5.00 -1.03 -14.39
N ALA A 297 -3.98 -0.85 -15.23
CA ALA A 297 -3.51 -1.94 -16.07
C ALA A 297 -3.31 -3.20 -15.20
N GLY A 298 -2.45 -3.08 -14.19
CA GLY A 298 -2.13 -4.19 -13.30
C GLY A 298 -3.25 -4.80 -12.47
N ASP A 299 -4.35 -4.08 -12.19
CA ASP A 299 -5.39 -4.52 -11.23
C ASP A 299 -6.13 -5.83 -11.57
N VAL A 300 -5.47 -6.93 -11.31
CA VAL A 300 -5.89 -8.22 -11.85
C VAL A 300 -5.54 -9.30 -10.84
N PHE A 301 -6.54 -9.93 -10.25
CA PHE A 301 -6.30 -11.02 -9.34
C PHE A 301 -5.67 -12.23 -10.06
N GLY A 302 -6.12 -12.49 -11.29
CA GLY A 302 -5.57 -13.57 -12.09
C GLY A 302 -6.60 -14.20 -12.97
N GLU A 303 -6.30 -15.39 -13.43
CA GLU A 303 -7.16 -16.02 -14.40
C GLU A 303 -7.52 -17.43 -13.99
N PHE A 304 -8.82 -17.65 -13.78
CA PHE A 304 -9.29 -18.89 -13.18
C PHE A 304 -10.46 -19.55 -13.90
N ARG A 305 -10.68 -20.83 -13.59
CA ARG A 305 -11.72 -21.62 -14.22
C ARG A 305 -12.85 -21.90 -13.22
N PHE A 306 -14.07 -21.95 -13.74
CA PHE A 306 -15.27 -22.23 -12.96
C PHE A 306 -16.19 -23.19 -13.74
N ALA A 307 -17.01 -23.93 -12.99
CA ALA A 307 -17.93 -24.90 -13.59
C ALA A 307 -19.13 -24.23 -14.28
N GLU A 308 -19.76 -23.26 -13.59
CA GLU A 308 -20.85 -22.50 -14.18
C GLU A 308 -20.40 -21.07 -14.47
N GLU A 309 -21.18 -20.36 -15.28
CA GLU A 309 -20.86 -18.99 -15.68
C GLU A 309 -20.96 -17.98 -14.54
N LEU A 310 -20.06 -17.00 -14.53
CA LEU A 310 -20.10 -15.93 -13.54
C LEU A 310 -21.22 -14.92 -13.78
N LYS A 311 -21.91 -14.60 -12.71
CA LYS A 311 -23.05 -13.69 -12.72
C LYS A 311 -22.80 -12.58 -11.68
N VAL A 312 -23.33 -11.37 -11.93
CA VAL A 312 -23.31 -10.30 -10.94
C VAL A 312 -23.95 -10.86 -9.68
N GLY A 313 -23.33 -10.66 -8.54
CA GLY A 313 -23.86 -11.22 -7.30
C GLY A 313 -23.15 -12.49 -6.83
N ASP A 314 -22.44 -13.16 -7.72
CA ASP A 314 -21.73 -14.38 -7.33
C ASP A 314 -20.61 -14.09 -6.31
N ARG A 315 -20.31 -15.10 -5.48
CA ARG A 315 -19.24 -15.07 -4.51
C ARG A 315 -18.00 -15.80 -4.98
N ILE A 316 -16.83 -15.20 -4.70
CA ILE A 316 -15.52 -15.75 -5.03
C ILE A 316 -14.63 -15.63 -3.78
N SER A 317 -13.85 -16.67 -3.52
CA SER A 317 -12.91 -16.68 -2.40
C SER A 317 -11.50 -16.80 -2.92
N PHE A 318 -10.65 -15.84 -2.58
CA PHE A 318 -9.23 -15.99 -2.84
C PHE A 318 -8.61 -16.68 -1.65
N GLN A 319 -7.84 -17.72 -1.95
CA GLN A 319 -7.36 -18.63 -0.92
C GLN A 319 -6.02 -18.15 -0.36
N ASP A 320 -5.68 -18.67 0.82
CA ASP A 320 -4.38 -18.41 1.42
C ASP A 320 -4.05 -16.92 1.41
N ALA A 321 -4.93 -16.14 2.00
CA ALA A 321 -4.83 -14.70 2.00
C ALA A 321 -4.44 -14.07 3.33
N ALA A 322 -3.84 -14.81 4.24
CA ALA A 322 -3.55 -14.25 5.58
C ALA A 322 -2.21 -13.51 5.70
N GLY A 323 -1.24 -13.91 4.88
CA GLY A 323 0.14 -13.43 5.03
C GLY A 323 0.39 -12.17 4.24
N TYR A 324 0.91 -11.14 4.90
CA TYR A 324 1.33 -9.93 4.23
C TYR A 324 0.21 -9.27 3.44
N THR A 325 -1.03 -9.34 3.91
CA THR A 325 -2.11 -8.67 3.22
C THR A 325 -2.82 -7.65 4.12
N VAL A 327 -1.86 -6.61 6.74
CA VAL A 327 -0.84 -5.84 7.37
C VAL A 327 -0.45 -4.65 6.45
N LYS A 328 -1.04 -4.57 5.28
CA LYS A 328 -0.61 -3.53 4.36
C LYS A 328 -1.74 -3.08 3.44
N LYS A 329 -2.96 -3.38 3.86
CA LYS A 329 -4.13 -2.92 3.18
C LYS A 329 -4.17 -1.40 3.35
N ASN A 330 -4.77 -0.76 2.35
CA ASN A 330 -4.85 0.69 2.33
C ASN A 330 -6.17 1.21 1.73
N TRP A 331 -6.29 2.53 1.62
CA TRP A 331 -7.52 3.17 1.15
C TRP A 331 -7.42 3.62 -0.30
N PHE A 332 -6.65 2.89 -1.08
CA PHE A 332 -6.43 3.21 -2.49
C PHE A 332 -7.78 3.51 -3.15
N ASN A 333 -7.93 4.72 -3.69
CA ASN A 333 -9.16 5.09 -4.37
C ASN A 333 -10.39 5.25 -3.45
N GLY A 334 -10.22 5.10 -2.13
CA GLY A 334 -11.35 5.04 -1.21
C GLY A 334 -12.22 3.80 -1.37
N VAL A 335 -11.68 2.75 -1.97
CA VAL A 335 -12.46 1.52 -2.05
C VAL A 335 -12.71 0.98 -0.65
N LYS A 336 -13.90 0.42 -0.47
CA LYS A 336 -14.28 -0.18 0.82
C LYS A 336 -13.22 -1.20 1.33
N PRO A 338 -11.89 -4.31 3.47
CA PRO A 338 -12.57 -5.56 3.83
C PRO A 338 -12.62 -5.74 5.33
N ALA A 339 -13.77 -6.18 5.84
CA ALA A 339 -13.86 -6.41 7.27
C ALA A 339 -12.93 -7.57 7.64
N ILE A 340 -12.56 -7.63 8.92
CA ILE A 340 -11.84 -8.76 9.45
C ILE A 340 -12.83 -9.62 10.21
N ALA A 341 -12.88 -10.89 9.86
CA ALA A 341 -13.81 -11.85 10.43
C ALA A 341 -13.11 -13.16 10.69
N ILE A 342 -13.68 -13.89 11.66
CA ILE A 342 -13.19 -15.19 12.11
C ILE A 342 -14.27 -16.26 11.96
N ARG A 343 -13.89 -17.42 11.45
CA ARG A 343 -14.74 -18.56 11.61
C ARG A 343 -14.26 -19.32 12.85
N GLU A 344 -15.14 -19.41 13.86
CA GLU A 344 -14.84 -20.08 15.14
C GLU A 344 -14.84 -21.60 15.00
N LEU A 345 -14.32 -22.28 16.01
CA LEU A 345 -14.12 -23.71 15.89
C LEU A 345 -15.42 -24.43 15.67
N ASP A 346 -16.56 -23.77 15.91
CA ASP A 346 -17.83 -24.45 15.86
C ASP A 346 -18.56 -24.16 14.56
N GLY A 347 -17.88 -23.48 13.65
CA GLY A 347 -18.48 -23.07 12.40
C GLY A 347 -19.11 -21.69 12.39
N SER A 348 -19.40 -21.11 13.57
CA SER A 348 -19.96 -19.72 13.65
C SER A 348 -18.98 -18.66 13.07
N VAL A 349 -19.51 -17.71 12.33
CA VAL A 349 -18.68 -16.68 11.71
C VAL A 349 -19.04 -15.36 12.35
N ARG A 350 -18.03 -14.72 12.93
CA ARG A 350 -18.23 -13.41 13.55
C ARG A 350 -17.29 -12.33 13.04
N THR A 351 -17.80 -11.11 13.00
CA THR A 351 -17.05 -9.96 12.56
C THR A 351 -16.32 -9.36 13.74
N VAL A 352 -15.02 -9.16 13.55
CA VAL A 352 -14.19 -8.51 14.53
C VAL A 352 -14.11 -7.01 14.27
N ARG A 353 -14.08 -6.61 13.00
CA ARG A 353 -13.73 -5.24 12.70
C ARG A 353 -14.30 -4.82 11.38
N GLU A 354 -15.22 -3.85 11.38
CA GLU A 354 -15.70 -3.24 10.16
C GLU A 354 -15.04 -1.88 10.02
N PHE A 355 -14.57 -1.58 8.82
CA PHE A 355 -13.99 -0.29 8.55
C PHE A 355 -15.08 0.57 7.92
N THR A 356 -15.23 1.79 8.40
CA THR A 356 -16.33 2.63 7.95
C THR A 356 -15.80 3.86 7.26
N TYR A 357 -16.76 4.69 6.81
CA TYR A 357 -16.40 5.99 6.26
C TYR A 357 -15.51 6.75 7.22
N ALA A 358 -15.90 6.81 8.50
CA ALA A 358 -15.09 7.45 9.56
C ALA A 358 -13.59 7.05 9.54
N ASP A 359 -13.31 5.73 9.53
CA ASP A 359 -11.93 5.25 9.36
C ASP A 359 -11.25 5.90 8.16
N TYR A 360 -11.93 5.89 7.01
CA TYR A 360 -11.37 6.39 5.80
C TYR A 360 -11.09 7.87 5.98
N GLU A 361 -12.09 8.61 6.47
CA GLU A 361 -11.93 10.06 6.61
C GLU A 361 -10.77 10.44 7.56
N GLN A 362 -10.63 9.69 8.65
CA GLN A 362 -9.60 9.97 9.65
C GLN A 362 -8.19 9.57 9.21
N SER A 363 -8.09 8.91 8.07
CA SER A 363 -6.76 8.47 7.64
C SER A 363 -6.20 9.61 6.82
N LEU A 364 -7.08 10.54 6.46
CA LEU A 364 -6.74 11.58 5.50
C LEU A 364 -6.53 12.93 6.11
N SER A 365 -7.10 13.15 7.28
CA SER A 365 -6.82 14.36 8.05
C SER A 365 -7.26 14.24 9.52
N ILE B 2 7.31 18.90 16.08
CA ILE B 2 7.05 17.83 15.10
C ILE B 2 8.27 16.94 14.84
N GLU B 3 8.07 15.61 14.84
CA GLU B 3 9.12 14.65 14.54
C GLU B 3 8.96 14.01 13.15
N THR B 4 10.06 13.54 12.58
CA THR B 4 9.96 12.92 11.28
C THR B 4 9.43 11.50 11.47
N PRO B 5 8.86 10.89 10.43
CA PRO B 5 8.58 11.50 9.14
C PRO B 5 7.27 12.27 9.19
N TYR B 6 7.14 13.26 8.32
CA TYR B 6 5.86 13.87 8.07
C TYR B 6 5.81 14.40 6.61
N TYR B 7 4.58 14.50 6.08
CA TYR B 7 4.35 15.10 4.78
C TYR B 7 4.10 16.56 5.06
N LEU B 8 4.83 17.46 4.39
CA LEU B 8 4.66 18.88 4.68
C LEU B 8 4.02 19.57 3.48
N ILE B 9 2.80 20.02 3.64
CA ILE B 9 2.15 20.69 2.57
C ILE B 9 2.42 22.18 2.67
N ASP B 10 3.11 22.71 1.66
CA ASP B 10 3.45 24.12 1.64
C ASP B 10 2.27 24.98 1.15
N LYS B 11 1.67 25.72 2.09
CA LYS B 11 0.53 26.55 1.78
C LYS B 11 0.78 27.48 0.56
N ALA B 12 1.91 28.17 0.53
CA ALA B 12 2.19 29.10 -0.56
C ALA B 12 2.35 28.42 -1.97
N LYS B 13 2.94 27.23 -2.01
CA LYS B 13 3.14 26.51 -3.26
C LYS B 13 1.87 25.87 -3.79
N LEU B 14 1.05 25.39 -2.86
CA LEU B 14 -0.24 24.87 -3.23
C LEU B 14 -1.03 26.01 -3.84
N THR B 15 -1.09 27.16 -3.17
CA THR B 15 -1.78 28.32 -3.71
C THR B 15 -1.33 28.74 -5.11
N ARG B 16 -0.01 28.75 -5.34
CA ARG B 16 0.56 29.00 -6.67
C ARG B 16 -0.22 28.13 -7.68
N ASN B 17 -0.39 26.84 -7.40
CA ASN B 17 -1.11 25.92 -8.28
C ASN B 17 -2.55 26.31 -8.44
N GLU B 19 -3.91 29.20 -8.18
CA GLU B 19 -4.09 30.40 -8.98
C GLU B 19 -3.96 30.12 -10.47
N ARG B 20 -3.18 29.12 -10.83
CA ARG B 20 -2.96 28.85 -12.25
C ARG B 20 -4.18 28.11 -12.81
N ILE B 21 -4.72 27.22 -11.99
CA ILE B 21 -6.03 26.61 -12.23
C ILE B 21 -7.16 27.66 -12.47
N ALA B 22 -7.41 28.54 -11.50
CA ALA B 22 -8.36 29.64 -11.65
C ALA B 22 -8.17 30.41 -13.01
N HIS B 23 -6.93 30.81 -13.29
CA HIS B 23 -6.57 31.47 -14.54
C HIS B 23 -7.13 30.68 -15.74
N VAL B 24 -6.86 29.37 -15.77
CA VAL B 24 -7.41 28.52 -16.82
C VAL B 24 -8.94 28.56 -16.84
N ARG B 25 -9.57 28.39 -15.67
CA ARG B 25 -11.01 28.41 -15.58
C ARG B 25 -11.56 29.75 -16.13
N GLU B 26 -10.86 30.81 -15.82
CA GLU B 26 -11.28 32.15 -16.17
C GLU B 26 -11.17 32.35 -17.72
N LYS B 27 -10.02 31.98 -18.27
CA LYS B 27 -9.71 32.15 -19.70
C LYS B 27 -10.50 31.21 -20.58
N SER B 28 -10.76 30.01 -20.07
CA SER B 28 -11.34 28.94 -20.87
C SER B 28 -12.81 28.85 -20.66
N GLY B 29 -13.28 29.15 -19.45
CA GLY B 29 -14.66 28.84 -19.04
C GLY B 29 -14.85 27.34 -18.77
N ALA B 30 -13.74 26.61 -18.76
CA ALA B 30 -13.78 25.20 -18.43
C ALA B 30 -13.85 25.11 -16.91
N LYS B 31 -14.38 24.01 -16.38
CA LYS B 31 -14.43 23.84 -14.93
C LYS B 31 -13.40 22.80 -14.51
N ALA B 32 -12.87 22.90 -13.30
CA ALA B 32 -11.83 22.00 -12.82
C ALA B 32 -12.29 21.34 -11.54
N LEU B 33 -12.12 20.02 -11.49
CA LEU B 33 -12.48 19.22 -10.32
C LEU B 33 -11.23 18.50 -9.79
N LEU B 34 -11.04 18.53 -8.48
CA LEU B 34 -9.91 17.81 -7.88
C LEU B 34 -10.18 16.31 -8.01
N ALA B 35 -9.24 15.55 -8.57
CA ALA B 35 -9.41 14.07 -8.57
C ALA B 35 -9.01 13.46 -7.22
N LEU B 36 -10.00 13.02 -6.45
CA LEU B 36 -9.75 12.54 -5.09
C LEU B 36 -8.87 11.26 -5.03
N LYS B 37 -8.77 10.50 -6.12
CA LYS B 37 -7.88 9.33 -6.13
C LYS B 37 -6.40 9.73 -5.96
N CYS B 38 -6.05 10.94 -6.38
CA CYS B 38 -4.68 11.40 -6.29
C CYS B 38 -4.40 12.02 -4.93
N PHE B 39 -5.37 12.80 -4.44
CA PHE B 39 -5.16 13.67 -3.27
C PHE B 39 -6.48 13.96 -2.61
N ALA B 40 -6.60 13.59 -1.33
CA ALA B 40 -7.84 13.67 -0.58
C ALA B 40 -7.54 14.13 0.86
N THR B 41 -6.53 14.97 1.00
CA THR B 41 -6.13 15.49 2.29
C THR B 41 -7.04 16.68 2.60
N TRP B 42 -8.19 16.34 3.16
CA TRP B 42 -9.29 17.28 3.23
C TRP B 42 -9.07 18.55 4.07
N SER B 43 -8.15 18.52 5.02
CA SER B 43 -7.90 19.71 5.82
C SER B 43 -7.42 20.95 5.03
N VAL B 44 -7.05 20.75 3.76
CA VAL B 44 -6.67 21.84 2.90
C VAL B 44 -7.74 22.15 1.84
N PHE B 45 -8.87 21.46 1.88
CA PHE B 45 -9.95 21.77 0.96
C PHE B 45 -10.47 23.22 1.06
N ASP B 46 -10.50 23.76 2.26
CA ASP B 46 -10.93 25.13 2.47
C ASP B 46 -10.07 26.07 1.66
N LEU B 47 -8.77 25.79 1.60
CA LEU B 47 -7.90 26.58 0.76
C LEU B 47 -8.17 26.37 -0.74
N ARG B 49 -10.98 25.17 -2.34
CA ARG B 49 -12.37 25.40 -2.72
C ARG B 49 -12.58 26.63 -3.63
N ASP B 50 -12.05 27.78 -3.22
CA ASP B 50 -12.35 29.02 -3.92
C ASP B 50 -11.71 29.14 -5.30
N TYR B 51 -10.87 28.16 -5.66
CA TYR B 51 -10.16 28.20 -6.92
C TYR B 51 -10.60 27.12 -7.86
N ASP B 53 -13.89 23.91 -8.85
CA ASP B 53 -15.34 23.80 -9.08
C ASP B 53 -15.97 22.56 -8.42
N GLY B 54 -15.16 21.76 -7.73
CA GLY B 54 -15.61 20.48 -7.20
C GLY B 54 -14.57 19.35 -7.23
N THR B 55 -15.06 18.13 -7.14
CA THR B 55 -14.21 16.96 -6.99
C THR B 55 -14.77 15.93 -7.92
N THR B 56 -13.94 14.99 -8.33
CA THR B 56 -14.44 13.80 -9.00
C THR B 56 -13.95 12.56 -8.22
N SER B 57 -14.70 11.49 -8.26
CA SER B 57 -14.50 10.35 -7.37
C SER B 57 -14.60 9.04 -8.09
N SER B 58 -14.01 7.99 -7.54
CA SER B 58 -14.21 6.67 -8.10
C SER B 58 -14.73 5.64 -7.14
N SER B 59 -15.32 6.07 -6.03
CA SER B 59 -15.84 5.16 -5.02
C SER B 59 -16.85 5.91 -4.17
N LEU B 60 -17.70 5.16 -3.50
CA LEU B 60 -18.58 5.71 -2.50
C LEU B 60 -17.83 6.63 -1.54
N PHE B 61 -16.82 6.13 -0.85
CA PHE B 61 -16.22 6.97 0.16
C PHE B 61 -15.67 8.27 -0.42
N GLU B 62 -15.15 8.21 -1.64
CA GLU B 62 -14.61 9.42 -2.24
C GLU B 62 -15.68 10.45 -2.57
N VAL B 63 -16.77 10.01 -3.20
CA VAL B 63 -17.89 10.89 -3.45
C VAL B 63 -18.49 11.50 -2.18
N ARG B 64 -18.63 10.70 -1.13
CA ARG B 64 -19.04 11.27 0.16
C ARG B 64 -18.02 12.31 0.69
N LEU B 65 -16.74 11.99 0.59
CA LEU B 65 -15.75 12.91 1.09
C LEU B 65 -15.84 14.23 0.34
N GLY B 66 -16.03 14.18 -0.99
CA GLY B 66 -16.05 15.39 -1.82
C GLY B 66 -17.29 16.22 -1.50
N ARG B 67 -18.45 15.56 -1.38
CA ARG B 67 -19.68 16.24 -1.00
C ARG B 67 -19.57 16.85 0.38
N GLU B 68 -19.19 16.06 1.39
CA GLU B 68 -19.18 16.55 2.77
C GLU B 68 -18.09 17.55 3.12
N ARG B 69 -16.93 17.47 2.51
CA ARG B 69 -15.83 18.34 2.96
C ARG B 69 -15.37 19.27 1.86
N PHE B 70 -15.74 18.99 0.62
CA PHE B 70 -15.28 19.89 -0.42
C PHE B 70 -16.40 20.77 -0.91
N GLY B 71 -17.58 20.19 -1.12
CA GLY B 71 -18.74 20.93 -1.58
C GLY B 71 -18.68 21.23 -3.06
N LYS B 72 -19.53 22.15 -3.50
CA LYS B 72 -19.62 22.57 -4.91
C LYS B 72 -20.06 21.37 -5.79
N GLU B 73 -19.55 21.23 -7.00
CA GLU B 73 -19.97 20.13 -7.85
C GLU B 73 -19.22 18.82 -7.52
N THR B 74 -19.97 17.72 -7.36
CA THR B 74 -19.34 16.41 -7.16
C THR B 74 -19.70 15.45 -8.28
N HIS B 75 -18.68 14.84 -8.87
CA HIS B 75 -18.84 13.86 -9.96
C HIS B 75 -18.47 12.51 -9.45
N ALA B 76 -19.28 11.52 -9.80
CA ALA B 76 -19.00 10.16 -9.43
C ALA B 76 -18.65 9.32 -10.64
N TYR B 77 -17.62 8.51 -10.52
CA TYR B 77 -17.29 7.54 -11.55
C TYR B 77 -16.97 6.22 -10.89
N SER B 78 -17.22 5.13 -11.61
CA SER B 78 -16.76 3.84 -11.14
C SER B 78 -16.63 2.93 -12.32
N VAL B 79 -15.75 1.96 -12.20
CA VAL B 79 -15.62 0.89 -13.17
C VAL B 79 -16.84 -0.04 -13.03
N ALA B 80 -17.27 -0.29 -11.80
CA ALA B 80 -18.45 -1.13 -11.57
C ALA B 80 -19.22 -0.71 -10.30
N TYR B 81 -20.43 -0.15 -10.44
CA TYR B 81 -21.17 0.24 -9.20
C TYR B 81 -21.75 -0.96 -8.49
N GLY B 82 -21.78 -0.89 -7.17
CA GLY B 82 -22.44 -1.88 -6.36
C GLY B 82 -23.85 -1.39 -6.15
N ASP B 83 -24.79 -2.34 -6.20
CA ASP B 83 -26.22 -2.11 -5.98
C ASP B 83 -26.52 -1.63 -4.55
N ASN B 84 -25.80 -2.19 -3.59
CA ASN B 84 -25.92 -1.77 -2.21
C ASN B 84 -25.28 -0.39 -1.97
N GLU B 85 -24.72 0.23 -3.02
CA GLU B 85 -24.07 1.54 -2.89
C GLU B 85 -24.68 2.63 -3.79
N ILE B 86 -25.07 2.25 -5.00
CA ILE B 86 -25.58 3.16 -6.03
C ILE B 86 -26.47 4.28 -5.52
N ASP B 87 -27.40 3.95 -4.63
CA ASP B 87 -28.36 4.91 -4.18
C ASP B 87 -27.68 5.96 -3.35
N GLU B 88 -26.70 5.56 -2.54
CA GLU B 88 -25.99 6.52 -1.75
C GLU B 88 -25.07 7.32 -2.66
N VAL B 89 -24.52 6.69 -3.68
CA VAL B 89 -23.68 7.43 -4.57
C VAL B 89 -24.53 8.55 -5.17
N VAL B 90 -25.68 8.17 -5.74
CA VAL B 90 -26.57 9.11 -6.44
C VAL B 90 -26.95 10.31 -5.58
N SER B 91 -27.20 10.08 -4.31
CA SER B 91 -27.58 11.16 -3.43
C SER B 91 -26.45 12.13 -3.12
N HIS B 92 -25.19 11.77 -3.33
CA HIS B 92 -24.07 12.72 -3.08
C HIS B 92 -23.66 13.42 -4.36
N ALA B 93 -23.88 12.79 -5.51
CA ALA B 93 -23.33 13.26 -6.78
C ALA B 93 -24.26 14.21 -7.53
N ASP B 94 -23.69 15.16 -8.26
CA ASP B 94 -24.44 15.97 -9.23
C ASP B 94 -24.39 15.38 -10.62
N LYS B 95 -23.30 14.71 -10.92
CA LYS B 95 -23.16 13.98 -12.14
C LYS B 95 -22.67 12.60 -11.77
N ILE B 96 -23.09 11.62 -12.57
CA ILE B 96 -22.65 10.24 -12.38
C ILE B 96 -22.23 9.75 -13.75
N ILE B 97 -21.15 8.98 -13.78
CA ILE B 97 -20.61 8.48 -15.02
C ILE B 97 -20.46 6.97 -14.95
N PHE B 98 -20.84 6.33 -16.06
CA PHE B 98 -20.82 4.89 -16.14
C PHE B 98 -19.81 4.49 -17.14
N ASN B 99 -19.20 3.34 -16.87
CA ASN B 99 -18.11 2.79 -17.64
C ASN B 99 -18.56 2.15 -18.95
N SER B 100 -19.81 1.74 -19.00
CA SER B 100 -20.30 0.89 -20.07
C SER B 100 -21.79 1.07 -20.21
N ILE B 101 -22.31 0.71 -21.38
CA ILE B 101 -23.74 0.80 -21.68
C ILE B 101 -24.54 0.00 -20.66
N SER B 102 -24.08 -1.23 -20.44
CA SER B 102 -24.69 -2.14 -19.50
C SER B 102 -24.82 -1.56 -18.07
N GLN B 103 -23.76 -0.92 -17.56
CA GLN B 103 -23.81 -0.21 -16.27
C GLN B 103 -24.87 0.87 -16.32
N LEU B 104 -24.92 1.59 -17.42
CA LEU B 104 -25.90 2.66 -17.56
C LEU B 104 -27.32 2.13 -17.61
N GLU B 105 -27.54 1.09 -18.41
CA GLU B 105 -28.84 0.45 -18.49
C GLU B 105 -29.23 -0.05 -17.11
N ARG B 106 -28.26 -0.61 -16.39
CA ARG B 106 -28.51 -1.19 -15.10
C ARG B 106 -28.95 -0.17 -14.06
N PHE B 107 -28.37 1.02 -14.13
CA PHE B 107 -28.50 1.97 -13.05
C PHE B 107 -29.25 3.23 -13.43
N ALA B 108 -29.54 3.38 -14.72
CA ALA B 108 -30.37 4.47 -15.24
C ALA B 108 -31.47 4.91 -14.27
N ASP B 109 -32.36 3.99 -13.90
CA ASP B 109 -33.49 4.30 -13.01
C ASP B 109 -33.08 4.99 -11.72
N LYS B 110 -32.13 4.41 -11.01
CA LYS B 110 -31.66 4.98 -9.76
C LYS B 110 -30.99 6.37 -9.90
N ALA B 111 -30.34 6.59 -11.04
CA ALA B 111 -29.63 7.84 -11.30
C ALA B 111 -30.52 8.87 -12.00
N ALA B 112 -31.82 8.60 -12.03
CA ALA B 112 -32.77 9.40 -12.80
C ALA B 112 -32.80 10.89 -12.41
N GLY B 113 -32.52 11.22 -11.16
CA GLY B 113 -32.65 12.61 -10.72
C GLY B 113 -31.50 13.54 -11.07
N ILE B 114 -30.38 12.99 -11.50
CA ILE B 114 -29.20 13.76 -11.76
C ILE B 114 -28.74 13.51 -13.18
N ALA B 115 -27.79 14.33 -13.64
CA ALA B 115 -27.20 14.24 -14.98
C ALA B 115 -26.36 12.94 -15.12
N ARG B 116 -26.55 12.21 -16.22
CA ARG B 116 -25.86 10.96 -16.40
C ARG B 116 -24.90 11.09 -17.58
N GLY B 117 -23.75 10.45 -17.43
CA GLY B 117 -22.68 10.48 -18.43
C GLY B 117 -22.18 9.09 -18.73
N LEU B 118 -21.38 8.97 -19.79
CA LEU B 118 -20.89 7.67 -20.22
C LEU B 118 -19.42 7.88 -20.56
N ARG B 119 -18.56 6.95 -20.15
CA ARG B 119 -17.17 7.04 -20.54
C ARG B 119 -16.94 6.55 -21.96
N LEU B 120 -16.16 7.30 -22.71
CA LEU B 120 -15.83 6.93 -24.07
C LEU B 120 -14.34 6.64 -24.15
N ASN B 121 -14.01 5.58 -24.86
CA ASN B 121 -12.64 5.10 -24.98
C ASN B 121 -12.15 5.52 -26.35
N PRO B 122 -11.18 6.45 -26.40
CA PRO B 122 -10.64 6.80 -27.72
C PRO B 122 -9.77 5.68 -28.34
N GLN B 123 -9.00 4.94 -27.54
CA GLN B 123 -8.06 3.93 -28.06
C GLN B 123 -8.63 3.07 -29.19
N ARG B 140 -11.27 -2.07 -21.94
CA ARG B 140 -12.24 -2.28 -20.84
C ARG B 140 -12.62 -1.01 -20.02
N LEU B 141 -12.21 0.15 -20.52
CA LEU B 141 -12.61 1.42 -19.92
C LEU B 141 -13.26 2.31 -20.96
N GLY B 142 -14.58 2.44 -20.90
CA GLY B 142 -15.32 3.27 -21.83
C GLY B 142 -15.78 2.53 -23.09
N GLU B 143 -16.83 3.05 -23.70
CA GLU B 143 -17.33 2.48 -24.95
C GLU B 143 -16.64 3.15 -26.15
N TRP B 144 -16.39 2.39 -27.20
CA TRP B 144 -15.73 2.93 -28.39
C TRP B 144 -16.66 2.91 -29.58
N ASP B 145 -17.66 2.03 -29.52
CA ASP B 145 -18.52 1.75 -30.69
C ASP B 145 -19.72 2.69 -30.78
N VAL B 146 -19.61 3.65 -31.70
CA VAL B 146 -20.57 4.74 -31.88
C VAL B 146 -22.02 4.27 -32.01
N PRO B 147 -22.31 3.30 -32.91
CA PRO B 147 -23.67 2.76 -33.07
C PRO B 147 -24.34 2.27 -31.78
N LYS B 148 -23.61 1.53 -30.94
CA LYS B 148 -24.16 1.05 -29.66
C LYS B 148 -24.41 2.21 -28.73
N VAL B 149 -23.52 3.19 -28.75
CA VAL B 149 -23.70 4.40 -27.96
C VAL B 149 -25.05 5.02 -28.34
N GLU B 150 -25.20 5.30 -29.64
CA GLU B 150 -26.35 5.97 -30.19
C GLU B 150 -27.70 5.44 -29.73
N ARG B 151 -27.78 4.13 -29.53
CA ARG B 151 -29.04 3.50 -29.08
C ARG B 151 -29.42 3.95 -27.67
N VAL B 152 -28.49 4.61 -26.98
CA VAL B 152 -28.71 4.92 -25.59
C VAL B 152 -28.57 6.43 -25.27
N ASP B 154 -30.78 8.82 -25.51
CA ASP B 154 -31.93 9.42 -24.84
C ASP B 154 -31.82 9.32 -23.31
N ARG B 155 -30.73 8.75 -22.81
CA ARG B 155 -30.59 8.48 -21.39
C ARG B 155 -29.37 9.17 -20.79
N ILE B 156 -28.48 9.67 -21.63
CA ILE B 156 -27.33 10.43 -21.12
C ILE B 156 -27.39 11.89 -21.55
N ASN B 157 -26.30 12.60 -21.34
CA ASN B 157 -26.29 14.05 -21.31
C ASN B 157 -24.82 14.54 -21.44
N GLY B 158 -23.88 13.60 -21.29
CA GLY B 158 -22.48 13.92 -21.17
C GLY B 158 -21.56 12.75 -21.44
N PHE B 159 -20.31 13.08 -21.77
CA PHE B 159 -19.30 12.04 -21.94
C PHE B 159 -18.11 12.33 -21.06
N ILE B 161 -13.97 11.36 -21.07
CA ILE B 161 -12.84 10.85 -21.86
C ILE B 161 -11.57 11.17 -21.10
N HIS B 162 -10.80 10.16 -20.74
CA HIS B 162 -9.59 10.38 -19.98
C HIS B 162 -8.50 9.51 -20.60
N ASN B 163 -7.78 10.13 -21.55
CA ASN B 163 -6.66 9.49 -22.22
C ASN B 163 -5.28 9.94 -21.71
N ASN B 164 -5.11 11.23 -21.48
CA ASN B 164 -3.80 11.77 -21.12
C ASN B 164 -3.26 11.20 -19.83
N CYS B 165 -1.94 11.22 -19.69
CA CYS B 165 -1.36 10.60 -18.53
C CYS B 165 -0.35 11.44 -17.78
N GLU B 166 0.84 11.63 -18.30
CA GLU B 166 1.78 12.50 -17.60
C GLU B 166 1.96 13.70 -18.50
N ASN B 167 0.94 14.00 -19.30
CA ASN B 167 1.06 14.85 -20.45
C ASN B 167 1.47 16.28 -20.15
N LYS B 168 2.75 16.53 -20.39
CA LYS B 168 3.46 17.72 -19.97
C LYS B 168 3.68 18.63 -21.17
N ASP B 169 3.17 18.21 -22.34
CA ASP B 169 3.38 18.95 -23.59
C ASP B 169 2.06 19.34 -24.26
N PHE B 170 1.90 20.63 -24.53
CA PHE B 170 0.64 21.12 -25.04
C PHE B 170 0.35 20.57 -26.43
N GLY B 171 1.39 20.55 -27.27
CA GLY B 171 1.31 20.01 -28.60
C GLY B 171 0.68 18.62 -28.63
N LEU B 172 1.09 17.76 -27.68
CA LEU B 172 0.60 16.38 -27.62
C LEU B 172 -0.84 16.33 -27.19
N PHE B 173 -1.19 17.08 -26.15
CA PHE B 173 -2.60 17.26 -25.76
C PHE B 173 -3.42 17.75 -26.96
N ASP B 174 -2.88 18.75 -27.68
CA ASP B 174 -3.61 19.26 -28.83
C ASP B 174 -4.00 18.19 -29.85
N ARG B 175 -3.06 17.30 -30.16
CA ARG B 175 -3.34 16.20 -31.06
C ARG B 175 -4.34 15.20 -30.52
N LEU B 177 -6.80 15.73 -28.36
CA LEU B 177 -8.08 16.36 -28.46
C LEU B 177 -8.57 16.30 -29.92
N GLY B 178 -7.63 16.34 -30.85
CA GLY B 178 -7.95 16.28 -32.26
C GLY B 178 -8.52 14.94 -32.65
N GLU B 179 -7.88 13.85 -32.21
CA GLU B 179 -8.36 12.49 -32.49
C GLU B 179 -9.68 12.16 -31.78
N ILE B 180 -9.96 12.91 -30.71
CA ILE B 180 -11.24 12.83 -30.01
C ILE B 180 -12.43 13.35 -30.86
N GLU B 181 -12.24 14.47 -31.54
CA GLU B 181 -13.25 15.04 -32.44
C GLU B 181 -13.61 14.10 -33.60
N GLU B 182 -12.59 13.48 -34.18
CA GLU B 182 -12.75 12.60 -35.33
C GLU B 182 -13.48 11.31 -34.99
N ARG B 183 -13.26 10.78 -33.79
CA ARG B 183 -13.97 9.57 -33.37
C ARG B 183 -15.37 9.83 -32.81
N PHE B 184 -15.59 10.97 -32.16
CA PHE B 184 -16.85 11.16 -31.44
C PHE B 184 -17.47 12.54 -31.64
N GLY B 185 -16.80 13.40 -32.40
CA GLY B 185 -17.27 14.75 -32.69
C GLY B 185 -18.75 14.85 -32.97
N ALA B 186 -19.25 13.93 -33.80
CA ALA B 186 -20.65 13.97 -34.16
C ALA B 186 -21.51 13.80 -32.90
N LEU B 187 -21.12 12.86 -32.04
CA LEU B 187 -21.85 12.61 -30.78
C LEU B 187 -21.70 13.70 -29.71
N ILE B 188 -20.49 14.24 -29.57
CA ILE B 188 -20.21 15.29 -28.59
C ILE B 188 -21.12 16.51 -28.78
N ALA B 189 -21.26 16.98 -30.01
CA ALA B 189 -22.17 18.09 -30.35
C ALA B 189 -23.56 17.93 -29.74
N ARG B 190 -24.02 16.68 -29.61
CA ARG B 190 -25.41 16.36 -29.23
C ARG B 190 -25.64 16.34 -27.72
N VAL B 191 -24.58 16.30 -26.93
CA VAL B 191 -24.72 16.30 -25.48
C VAL B 191 -24.38 17.67 -24.96
N ASP B 192 -24.50 17.88 -23.65
CA ASP B 192 -24.22 19.22 -23.19
C ASP B 192 -23.09 19.37 -22.20
N TRP B 193 -22.35 18.29 -21.92
CA TRP B 193 -21.08 18.43 -21.17
C TRP B 193 -20.11 17.29 -21.45
N VAL B 194 -18.82 17.61 -21.31
CA VAL B 194 -17.72 16.68 -21.55
C VAL B 194 -16.65 16.86 -20.49
N SER B 195 -16.14 15.76 -19.99
CA SER B 195 -15.03 15.81 -19.07
C SER B 195 -13.82 15.27 -19.78
N LEU B 196 -12.79 16.09 -19.83
CA LEU B 196 -11.58 15.68 -20.52
C LEU B 196 -10.59 14.96 -19.62
N GLY B 197 -10.97 14.66 -18.37
CA GLY B 197 -10.09 13.95 -17.44
C GLY B 197 -8.87 14.71 -16.94
N GLY B 198 -7.86 13.96 -16.51
CA GLY B 198 -6.67 14.52 -15.92
C GLY B 198 -5.45 14.12 -16.72
N GLY B 199 -4.33 13.99 -16.04
CA GLY B 199 -3.10 13.61 -16.70
C GLY B 199 -2.51 14.74 -17.51
N ILE B 200 -3.10 15.93 -17.46
CA ILE B 200 -2.62 17.09 -18.24
C ILE B 200 -1.91 18.09 -17.34
N HIS B 201 -0.61 18.26 -17.55
CA HIS B 201 0.22 19.04 -16.61
C HIS B 201 0.28 20.52 -16.94
N PHE B 202 -0.90 21.17 -16.93
CA PHE B 202 -1.00 22.59 -17.29
C PHE B 202 -0.59 23.58 -16.21
N THR B 203 -0.36 23.10 -15.00
CA THR B 203 0.18 23.89 -13.90
C THR B 203 1.72 23.87 -13.84
N GLY B 204 2.36 23.16 -14.77
CA GLY B 204 3.80 23.15 -14.78
C GLY B 204 4.36 24.53 -15.13
N ASP B 205 5.56 24.83 -14.65
CA ASP B 205 6.15 26.11 -15.03
C ASP B 205 6.39 26.03 -16.54
N ASP B 206 6.08 27.11 -17.27
CA ASP B 206 6.36 27.19 -18.70
C ASP B 206 5.30 26.54 -19.59
N TYR B 207 4.28 25.95 -19.00
CA TYR B 207 3.19 25.46 -19.84
C TYR B 207 2.47 26.64 -20.52
N PRO B 208 2.08 26.45 -21.82
CA PRO B 208 1.40 27.53 -22.57
C PRO B 208 -0.06 27.57 -22.15
N VAL B 209 -0.26 28.08 -20.94
CA VAL B 209 -1.55 28.09 -20.29
C VAL B 209 -2.64 28.80 -21.08
N ASP B 210 -2.24 29.80 -21.87
CA ASP B 210 -3.17 30.66 -22.61
C ASP B 210 -3.52 30.10 -23.97
N ALA B 211 -2.52 29.59 -24.67
CA ALA B 211 -2.77 28.74 -25.82
C ALA B 211 -3.75 27.61 -25.44
N PHE B 212 -3.45 26.90 -24.36
CA PHE B 212 -4.28 25.78 -23.87
C PHE B 212 -5.73 26.18 -23.50
N SER B 213 -5.89 27.33 -22.84
CA SER B 213 -7.19 27.95 -22.59
C SER B 213 -7.95 28.25 -23.87
N ALA B 214 -7.22 28.75 -24.87
CA ALA B 214 -7.80 29.13 -26.15
C ALA B 214 -8.26 27.90 -26.91
N ARG B 215 -7.52 26.81 -26.77
CA ARG B 215 -7.87 25.57 -27.41
C ARG B 215 -9.11 24.95 -26.72
N LEU B 216 -9.20 25.14 -25.40
CA LEU B 216 -10.35 24.72 -24.61
C LEU B 216 -11.61 25.50 -25.07
N ARG B 217 -11.46 26.82 -25.20
CA ARG B 217 -12.55 27.66 -25.68
C ARG B 217 -13.14 27.15 -27.00
N ALA B 218 -12.26 26.84 -27.94
CA ALA B 218 -12.67 26.47 -29.31
C ALA B 218 -13.41 25.12 -29.36
N PHE B 219 -12.98 24.19 -28.53
CA PHE B 219 -13.68 22.92 -28.45
C PHE B 219 -15.07 23.16 -27.85
N SER B 220 -15.13 23.94 -26.78
CA SER B 220 -16.39 24.21 -26.11
C SER B 220 -17.31 25.04 -27.00
N ASP B 221 -16.74 25.93 -27.81
CA ASP B 221 -17.52 26.77 -28.72
C ASP B 221 -18.11 25.97 -29.88
N ARG B 222 -17.24 25.27 -30.60
CA ARG B 222 -17.65 24.40 -31.67
C ARG B 222 -18.80 23.47 -31.24
N TYR B 223 -18.64 22.77 -30.13
CA TYR B 223 -19.58 21.72 -29.76
C TYR B 223 -20.73 22.14 -28.84
N GLY B 224 -20.69 23.36 -28.33
CA GLY B 224 -21.69 23.85 -27.36
C GLY B 224 -21.84 23.00 -26.10
N VAL B 225 -20.71 22.62 -25.50
CA VAL B 225 -20.65 21.80 -24.29
C VAL B 225 -19.89 22.52 -23.18
N GLN B 226 -20.20 22.20 -21.93
CA GLN B 226 -19.34 22.63 -20.81
C GLN B 226 -18.16 21.64 -20.63
N ILE B 227 -16.94 22.18 -20.56
CA ILE B 227 -15.78 21.34 -20.37
C ILE B 227 -15.49 21.20 -18.88
N TYR B 228 -15.19 19.97 -18.50
CA TYR B 228 -14.60 19.63 -17.19
C TYR B 228 -13.16 19.14 -17.35
N LEU B 229 -12.30 19.64 -16.49
CA LEU B 229 -10.98 19.12 -16.34
C LEU B 229 -10.98 18.41 -15.00
N GLU B 230 -10.19 17.32 -14.90
CA GLU B 230 -10.06 16.57 -13.64
C GLU B 230 -8.62 16.57 -13.15
N PRO B 231 -8.08 17.74 -12.82
CA PRO B 231 -6.65 17.64 -12.46
C PRO B 231 -6.39 16.91 -11.14
N GLY B 232 -5.63 15.83 -11.18
CA GLY B 232 -5.09 15.21 -9.97
C GLY B 232 -3.72 15.78 -9.65
N GLU B 233 -2.71 15.14 -10.20
CA GLU B 233 -1.32 15.59 -10.07
C GLU B 233 -1.12 17.08 -10.30
N ALA B 234 -1.81 17.64 -11.28
CA ALA B 234 -1.55 19.05 -11.58
C ALA B 234 -1.98 20.04 -10.47
N SER B 235 -2.90 19.63 -9.60
CA SER B 235 -3.30 20.46 -8.47
C SER B 235 -2.21 20.59 -7.41
N ILE B 236 -1.39 19.55 -7.31
CA ILE B 236 -0.67 19.29 -6.11
C ILE B 236 0.85 19.22 -6.35
N THR B 237 1.21 19.36 -7.63
CA THR B 237 2.56 19.27 -8.14
C THR B 237 3.52 20.16 -7.34
N LYS B 238 4.63 19.60 -6.90
CA LYS B 238 5.72 20.37 -6.24
C LYS B 238 5.27 21.16 -5.00
N SER B 239 4.13 20.78 -4.43
CA SER B 239 3.57 21.54 -3.33
C SER B 239 4.01 20.98 -2.01
N THR B 240 4.34 19.69 -2.00
CA THR B 240 4.47 18.96 -0.76
C THR B 240 5.78 18.17 -0.69
N THR B 241 6.37 18.08 0.49
CA THR B 241 7.56 17.25 0.70
C THR B 241 7.30 16.16 1.74
N LEU B 242 8.09 15.07 1.68
CA LEU B 242 8.15 14.11 2.78
C LEU B 242 9.47 14.32 3.56
N GLU B 243 9.36 14.82 4.79
CA GLU B 243 10.52 15.07 5.64
C GLU B 243 11.03 13.85 6.41
N VAL B 244 12.31 13.50 6.24
CA VAL B 244 12.86 12.33 6.96
C VAL B 244 14.25 12.59 7.62
N THR B 245 14.65 11.70 8.51
CA THR B 245 15.90 11.80 9.22
C THR B 245 16.72 10.58 8.86
N VAL B 246 18.04 10.73 8.82
CA VAL B 246 18.94 9.58 8.68
C VAL B 246 19.11 8.95 10.03
N LEU B 247 19.03 7.63 10.09
CA LEU B 247 19.10 6.88 11.34
C LEU B 247 20.39 6.04 11.44
N ASP B 248 20.93 5.62 10.31
CA ASP B 248 22.16 4.85 10.29
C ASP B 248 22.89 5.04 8.98
N THR B 249 24.19 4.83 9.03
CA THR B 249 25.04 5.03 7.90
C THR B 249 25.84 3.76 7.72
N LEU B 250 26.13 3.39 6.48
CA LEU B 250 26.74 2.08 6.20
C LEU B 250 27.57 2.10 4.95
N TYR B 251 28.65 1.32 4.95
CA TYR B 251 29.37 1.13 3.71
C TYR B 251 29.45 -0.33 3.25
N ASN B 252 28.52 -0.68 2.35
CA ASN B 252 28.45 -1.97 1.65
C ASN B 252 29.47 -2.02 0.52
N LYS B 254 28.14 0.50 -2.47
CA LYS B 254 27.84 1.92 -2.41
C LYS B 254 27.95 2.43 -0.98
N ASN B 255 27.71 3.74 -0.82
CA ASN B 255 27.37 4.34 0.47
C ASN B 255 25.88 4.30 0.67
N LEU B 256 25.46 3.88 1.87
CA LEU B 256 24.05 3.66 2.20
C LEU B 256 23.63 4.47 3.40
N ALA B 257 22.42 5.02 3.33
CA ALA B 257 21.82 5.70 4.46
C ALA B 257 20.36 5.26 4.67
N ILE B 258 20.03 4.95 5.92
CA ILE B 258 18.68 4.54 6.32
C ILE B 258 17.90 5.72 6.87
N VAL B 259 16.68 5.94 6.37
CA VAL B 259 15.83 7.00 6.87
C VAL B 259 14.60 6.44 7.57
N ASP B 260 13.95 7.33 8.33
CA ASP B 260 12.88 6.89 9.21
C ASP B 260 11.53 6.79 8.47
N SER B 261 11.54 6.13 7.32
CA SER B 261 10.37 6.04 6.49
C SER B 261 10.54 4.80 5.64
N SER B 262 9.56 4.51 4.79
CA SER B 262 9.57 3.34 3.90
C SER B 262 8.78 3.63 2.62
N ILE B 263 9.38 3.37 1.46
CA ILE B 263 8.63 3.59 0.22
C ILE B 263 7.39 2.71 0.13
N GLU B 264 7.42 1.52 0.74
CA GLU B 264 6.24 0.67 0.67
C GLU B 264 5.08 1.27 1.44
N ALA B 265 5.39 1.88 2.57
CA ALA B 265 4.35 2.35 3.47
C ALA B 265 3.93 3.76 3.15
N HIS B 266 4.81 4.53 2.53
CA HIS B 266 4.67 6.01 2.52
C HIS B 266 4.65 6.67 1.15
N LEU B 268 4.09 4.65 -2.13
CA LEU B 268 3.98 3.32 -2.62
C LEU B 268 4.07 3.27 -4.13
N ASP B 269 3.65 4.33 -4.80
CA ASP B 269 3.88 4.45 -6.25
C ASP B 269 5.34 4.23 -6.64
N LEU B 270 6.28 4.68 -5.80
CA LEU B 270 7.69 4.43 -6.11
C LEU B 270 8.02 2.97 -6.13
N LEU B 271 7.45 2.21 -5.19
CA LEU B 271 7.70 0.80 -5.21
C LEU B 271 6.97 0.18 -6.39
N ILE B 272 5.68 0.48 -6.56
CA ILE B 272 4.85 -0.13 -7.61
C ILE B 272 5.43 0.00 -9.04
N TYR B 273 5.86 1.20 -9.36
CA TYR B 273 6.34 1.51 -10.67
C TYR B 273 7.85 1.44 -10.77
N ARG B 274 8.51 1.13 -9.65
CA ARG B 274 9.98 1.03 -9.56
C ARG B 274 10.64 2.32 -10.05
N GLU B 275 10.20 3.42 -9.47
CA GLU B 275 10.84 4.72 -9.74
C GLU B 275 11.48 5.14 -8.46
N THR B 276 12.19 6.24 -8.57
CA THR B 276 12.99 6.76 -7.50
C THR B 276 12.43 8.10 -7.06
N ALA B 277 12.71 8.50 -5.83
CA ALA B 277 12.18 9.74 -5.29
C ALA B 277 13.02 10.94 -5.75
N LYS B 278 12.76 12.12 -5.23
CA LYS B 278 13.56 13.29 -5.65
C LYS B 278 14.13 14.10 -4.51
N VAL B 279 15.38 14.53 -4.68
CA VAL B 279 16.11 15.34 -3.72
C VAL B 279 16.65 16.62 -4.39
N LEU B 280 16.92 17.64 -3.58
CA LEU B 280 17.48 18.91 -4.04
C LEU B 280 18.61 19.37 -3.16
N PRO B 281 19.68 19.92 -3.76
CA PRO B 281 20.01 19.78 -5.18
C PRO B 281 20.51 18.36 -5.35
N ASN B 282 20.47 17.81 -6.54
CA ASN B 282 20.97 16.46 -6.54
C ASN B 282 22.44 16.51 -6.96
N GLU B 283 23.22 17.22 -6.15
CA GLU B 283 24.58 17.60 -6.53
C GLU B 283 25.56 17.36 -5.41
N GLY B 284 26.85 17.39 -5.76
CA GLY B 284 27.91 17.10 -4.82
C GLY B 284 28.56 15.78 -5.17
N SER B 285 29.56 15.40 -4.38
CA SER B 285 30.33 14.20 -4.68
C SER B 285 30.30 13.16 -3.56
N HIS B 286 29.19 13.08 -2.83
CA HIS B 286 28.92 11.92 -1.96
C HIS B 286 27.66 11.24 -2.40
N SER B 287 27.82 10.15 -3.13
CA SER B 287 26.69 9.43 -3.68
C SER B 287 26.16 8.39 -2.70
N TYR B 288 24.89 8.54 -2.37
CA TYR B 288 24.22 7.69 -1.36
C TYR B 288 23.03 6.95 -1.95
N ILE B 290 19.75 5.79 -0.52
CA ILE B 290 18.93 6.01 0.66
C ILE B 290 17.83 4.98 0.71
N CYS B 291 17.75 4.28 1.82
CA CYS B 291 16.83 3.17 1.92
C CYS B 291 15.87 3.36 3.04
N GLY B 292 14.72 2.71 2.92
CA GLY B 292 13.71 2.73 3.95
C GLY B 292 14.05 1.86 5.15
N LYS B 293 13.21 2.00 6.16
CA LYS B 293 13.33 1.33 7.42
C LYS B 293 12.78 -0.12 7.32
N SER B 294 12.29 -0.55 6.16
CA SER B 294 11.73 -1.90 6.01
C SER B 294 12.80 -2.95 5.88
N CYS B 295 12.36 -4.19 6.08
CA CYS B 295 13.11 -5.42 5.78
C CYS B 295 13.32 -5.65 4.28
N LEU B 296 12.29 -5.30 3.48
CA LEU B 296 12.25 -5.54 2.03
C LEU B 296 13.53 -5.14 1.28
N ALA B 297 13.90 -5.93 0.28
CA ALA B 297 15.12 -5.66 -0.48
C ALA B 297 14.99 -4.36 -1.29
N GLY B 298 13.88 -4.23 -2.00
CA GLY B 298 13.69 -3.04 -2.83
C GLY B 298 13.14 -1.79 -2.16
N ASP B 299 13.27 -1.70 -0.83
CA ASP B 299 12.84 -0.51 -0.07
C ASP B 299 13.92 0.57 -0.13
N VAL B 300 14.04 1.16 -1.31
CA VAL B 300 15.07 2.12 -1.61
C VAL B 300 14.44 3.36 -2.29
N PHE B 301 14.73 4.53 -1.73
CA PHE B 301 14.20 5.77 -2.26
C PHE B 301 14.85 6.21 -3.56
N GLY B 302 16.19 6.02 -3.65
CA GLY B 302 17.03 6.43 -4.78
C GLY B 302 18.53 6.60 -4.48
N GLU B 303 19.35 6.67 -5.53
CA GLU B 303 20.79 6.99 -5.38
C GLU B 303 20.90 8.49 -5.58
N PHE B 304 21.40 9.21 -4.58
CA PHE B 304 21.51 10.64 -4.74
C PHE B 304 22.88 11.18 -4.47
N ARG B 305 23.10 12.37 -5.00
CA ARG B 305 24.27 13.17 -4.68
C ARG B 305 23.93 14.15 -3.53
N PHE B 306 24.92 14.31 -2.67
CA PHE B 306 24.92 15.25 -1.57
C PHE B 306 26.27 15.92 -1.59
N ALA B 307 26.37 17.09 -0.96
CA ALA B 307 27.60 17.87 -0.97
C ALA B 307 28.50 17.43 0.18
N GLU B 308 27.88 17.06 1.31
CA GLU B 308 28.56 16.60 2.54
C GLU B 308 28.12 15.22 2.96
N GLU B 309 29.10 14.45 3.42
CA GLU B 309 28.88 13.20 4.12
C GLU B 309 27.66 13.26 5.04
N LEU B 310 26.75 12.29 4.89
CA LEU B 310 25.54 12.23 5.71
C LEU B 310 25.80 11.60 7.07
N LYS B 311 25.20 12.19 8.10
CA LYS B 311 25.40 11.74 9.45
C LYS B 311 24.06 11.38 10.04
N VAL B 312 24.06 10.41 10.96
CA VAL B 312 22.87 10.11 11.75
C VAL B 312 22.31 11.43 12.33
N GLY B 313 21.03 11.71 12.08
CA GLY B 313 20.37 12.92 12.58
C GLY B 313 20.06 13.92 11.47
N ASP B 314 20.67 13.73 10.30
CA ASP B 314 20.53 14.67 9.19
C ASP B 314 19.18 14.51 8.54
N ARG B 315 18.66 15.64 8.08
CA ARG B 315 17.31 15.74 7.63
C ARG B 315 17.35 15.73 6.12
N ILE B 316 16.48 14.91 5.51
CA ILE B 316 16.32 14.81 4.06
C ILE B 316 14.85 15.05 3.66
N SER B 317 14.62 15.85 2.62
CA SER B 317 13.26 16.17 2.13
C SER B 317 12.96 15.54 0.76
N PHE B 318 12.10 14.54 0.69
CA PHE B 318 11.71 14.06 -0.63
C PHE B 318 10.74 15.02 -1.25
N GLN B 319 11.04 15.41 -2.46
CA GLN B 319 10.28 16.46 -3.14
C GLN B 319 9.05 15.88 -3.82
N ASP B 320 8.10 16.78 -4.10
CA ASP B 320 6.88 16.43 -4.82
C ASP B 320 6.21 15.18 -4.30
N ALA B 321 5.87 15.15 -3.03
CA ALA B 321 5.33 13.96 -2.44
C ALA B 321 3.83 13.98 -2.16
N ALA B 322 3.05 14.88 -2.76
CA ALA B 322 1.61 14.95 -2.42
C ALA B 322 0.69 13.97 -3.14
N GLY B 323 0.97 13.68 -4.41
CA GLY B 323 0.09 12.85 -5.21
C GLY B 323 0.30 11.35 -5.03
N TYR B 324 -0.82 10.64 -4.87
CA TYR B 324 -0.79 9.18 -4.87
C TYR B 324 0.14 8.68 -3.76
N THR B 325 0.31 9.50 -2.72
CA THR B 325 1.14 9.09 -1.59
C THR B 325 0.25 8.92 -0.38
N VAL B 327 -2.95 9.00 -0.03
CA VAL B 327 -4.17 8.23 -0.21
C VAL B 327 -3.92 6.69 -0.13
N LYS B 328 -2.66 6.26 -0.08
CA LYS B 328 -2.38 4.85 -0.17
C LYS B 328 -1.33 4.42 0.84
N LYS B 329 -1.11 5.25 1.85
CA LYS B 329 -0.20 4.90 2.90
C LYS B 329 -0.73 3.76 3.75
N ASN B 330 0.19 2.97 4.30
CA ASN B 330 -0.21 1.80 5.08
C ASN B 330 0.76 1.51 6.27
N TRP B 331 0.44 0.47 7.03
CA TRP B 331 1.13 0.14 8.26
C TRP B 331 2.14 -1.00 8.09
N PHE B 332 2.62 -1.19 6.85
CA PHE B 332 3.60 -2.19 6.58
C PHE B 332 4.76 -2.13 7.58
N ASN B 333 5.09 -3.30 8.14
CA ASN B 333 6.13 -3.47 9.15
C ASN B 333 5.81 -2.83 10.50
N GLY B 334 4.63 -2.22 10.61
CA GLY B 334 4.31 -1.36 11.73
C GLY B 334 5.17 -0.09 11.79
N VAL B 335 5.91 0.24 10.75
CA VAL B 335 6.64 1.51 10.79
C VAL B 335 5.70 2.70 11.02
N LYS B 336 6.24 3.67 11.76
CA LYS B 336 5.54 4.91 12.07
C LYS B 336 4.98 5.57 10.81
N PRO B 338 3.59 8.69 8.58
CA PRO B 338 4.01 10.07 8.73
C PRO B 338 2.87 10.99 9.12
N ALA B 339 3.16 11.95 9.98
CA ALA B 339 2.19 12.97 10.35
C ALA B 339 1.82 13.76 9.11
N ILE B 340 0.66 14.41 9.15
CA ILE B 340 0.28 15.27 8.06
C ILE B 340 0.43 16.68 8.59
N ALA B 341 1.22 17.50 7.88
CA ALA B 341 1.49 18.88 8.31
C ALA B 341 1.52 19.90 7.18
N ILE B 342 1.24 21.13 7.57
CA ILE B 342 1.19 22.26 6.64
C ILE B 342 2.24 23.32 7.01
N ARG B 343 3.06 23.75 6.05
CA ARG B 343 3.87 24.97 6.23
C ARG B 343 2.99 26.17 5.92
N GLU B 344 2.68 26.98 6.91
CA GLU B 344 1.83 28.16 6.66
C GLU B 344 2.68 29.34 6.13
N LEU B 345 2.03 30.46 5.85
CA LEU B 345 2.71 31.64 5.26
C LEU B 345 3.83 32.24 6.12
N ASP B 346 3.48 32.54 7.37
CA ASP B 346 4.32 32.47 8.56
C ASP B 346 5.63 31.68 8.41
N GLY B 347 5.53 30.49 7.83
CA GLY B 347 6.67 29.59 7.79
C GLY B 347 6.61 28.56 8.90
N SER B 348 5.74 28.80 9.89
CA SER B 348 5.43 27.80 10.93
C SER B 348 4.83 26.53 10.31
N VAL B 349 5.07 25.39 10.96
CA VAL B 349 4.43 24.12 10.61
C VAL B 349 3.29 23.80 11.59
N ARG B 350 2.10 23.62 11.04
CA ARG B 350 0.93 23.25 11.82
C ARG B 350 0.81 21.74 11.66
N THR B 351 0.57 21.03 12.75
CA THR B 351 0.35 19.59 12.63
C THR B 351 -1.13 19.34 12.51
N VAL B 352 -1.55 18.70 11.43
CA VAL B 352 -2.96 18.45 11.22
C VAL B 352 -3.39 17.13 11.87
N ARG B 353 -2.63 16.06 11.63
CA ARG B 353 -3.01 14.72 12.04
C ARG B 353 -1.77 13.92 12.35
N GLU B 354 -1.77 13.31 13.52
CA GLU B 354 -0.66 12.51 13.99
C GLU B 354 -1.22 11.10 14.14
N PHE B 355 -0.48 10.11 13.62
CA PHE B 355 -0.90 8.72 13.70
C PHE B 355 -0.20 8.05 14.86
N THR B 356 -0.99 7.36 15.69
CA THR B 356 -0.50 6.87 16.94
C THR B 356 -0.61 5.35 16.96
N TYR B 357 -0.09 4.74 18.01
CA TYR B 357 -0.20 3.31 18.21
C TYR B 357 -1.64 2.80 18.05
N ALA B 358 -2.57 3.54 18.64
CA ALA B 358 -3.98 3.14 18.61
C ALA B 358 -4.51 3.12 17.16
N ASP B 359 -4.03 3.99 16.27
CA ASP B 359 -4.36 3.86 14.86
C ASP B 359 -3.83 2.54 14.35
N TYR B 360 -2.54 2.26 14.57
CA TYR B 360 -2.00 1.00 14.11
C TYR B 360 -2.80 -0.19 14.62
N GLU B 361 -3.01 -0.24 15.95
CA GLU B 361 -3.60 -1.40 16.61
C GLU B 361 -5.01 -1.65 16.10
N GLN B 362 -5.75 -0.54 15.96
CA GLN B 362 -7.12 -0.52 15.48
C GLN B 362 -7.27 -0.85 13.97
N SER B 363 -6.19 -0.80 13.22
CA SER B 363 -6.28 -1.24 11.85
C SER B 363 -6.17 -2.76 11.71
N LEU B 364 -5.83 -3.49 12.77
CA LEU B 364 -5.52 -4.94 12.68
C LEU B 364 -6.58 -5.85 13.28
N SER B 365 -7.46 -5.26 14.06
CA SER B 365 -8.48 -6.03 14.73
C SER B 365 -9.29 -5.06 15.56
#